data_2GQE
#
_entry.id   2GQE
#
_cell.length_a   1.000
_cell.length_b   1.000
_cell.length_c   1.000
_cell.angle_alpha   90.00
_cell.angle_beta   90.00
_cell.angle_gamma   90.00
#
_symmetry.space_group_name_H-M   'P 1'
#
loop_
_entity.id
_entity.type
_entity.pdbx_description
1 polymer 'Nuclear pore complex protein Nup153'
2 non-polymer 'ZINC ION'
#
_entity_poly.entity_id   1
_entity_poly.type   'polypeptide(L)'
_entity_poly.pdbx_seq_one_letter_code
;GHMVIGTWDCDTCLVQNKPEAIKCVACETPKP
;
_entity_poly.pdbx_strand_id   A
#
loop_
_chem_comp.id
_chem_comp.type
_chem_comp.name
_chem_comp.formula
ZN non-polymer 'ZINC ION' 'Zn 2'
#
# COMPACT_ATOMS: atom_id res chain seq x y z
N GLY A 1 0.65 6.98 -12.31
CA GLY A 1 1.19 8.31 -12.06
C GLY A 1 0.21 9.41 -12.42
N HIS A 2 -1.04 9.02 -12.68
CA HIS A 2 -2.07 9.98 -13.04
C HIS A 2 -3.42 9.56 -12.47
N MET A 3 -4.04 10.43 -11.68
CA MET A 3 -5.33 10.14 -11.07
C MET A 3 -5.38 8.71 -10.56
N VAL A 4 -4.31 8.29 -9.89
CA VAL A 4 -4.24 6.94 -9.35
C VAL A 4 -3.98 6.98 -7.84
N ILE A 5 -4.16 8.14 -7.24
CA ILE A 5 -3.95 8.31 -5.81
C ILE A 5 -4.71 7.26 -5.02
N GLY A 6 -4.60 7.33 -3.69
CA GLY A 6 -5.29 6.37 -2.84
C GLY A 6 -4.34 5.42 -2.14
N THR A 7 -3.06 5.53 -2.46
CA THR A 7 -2.04 4.67 -1.87
C THR A 7 -2.23 4.57 -0.36
N TRP A 8 -2.03 3.36 0.17
CA TRP A 8 -2.16 3.14 1.61
C TRP A 8 -0.80 3.00 2.27
N ASP A 9 -0.67 3.55 3.47
CA ASP A 9 0.58 3.48 4.22
C ASP A 9 0.56 2.33 5.22
N CYS A 10 1.66 1.59 5.28
CA CYS A 10 1.77 0.46 6.19
C CYS A 10 1.73 0.92 7.64
N ASP A 11 1.71 -0.04 8.55
CA ASP A 11 1.67 0.26 9.98
C ASP A 11 2.60 -0.65 10.76
N THR A 12 3.46 -1.36 10.04
CA THR A 12 4.41 -2.29 10.66
C THR A 12 5.82 -2.06 10.14
N CYS A 13 5.91 -1.75 8.85
CA CYS A 13 7.21 -1.51 8.21
C CYS A 13 7.32 -0.07 7.72
N LEU A 14 6.20 0.65 7.77
CA LEU A 14 6.17 2.05 7.34
C LEU A 14 6.52 2.16 5.86
N VAL A 15 5.57 1.80 5.00
CA VAL A 15 5.78 1.87 3.56
C VAL A 15 4.45 2.04 2.83
N GLN A 16 4.43 3.00 1.90
CA GLN A 16 3.22 3.28 1.12
C GLN A 16 3.10 2.32 -0.06
N ASN A 17 1.87 2.05 -0.47
CA ASN A 17 1.63 1.16 -1.60
C ASN A 17 0.39 1.59 -2.38
N LYS A 18 0.29 1.13 -3.63
CA LYS A 18 -0.85 1.46 -4.48
C LYS A 18 -2.10 0.71 -4.04
N PRO A 19 -3.26 1.34 -4.21
CA PRO A 19 -4.55 0.75 -3.84
C PRO A 19 -4.94 -0.41 -4.75
N GLU A 20 -4.19 -0.58 -5.83
CA GLU A 20 -4.46 -1.66 -6.78
C GLU A 20 -3.75 -2.94 -6.36
N ALA A 21 -2.91 -2.84 -5.33
CA ALA A 21 -2.17 -3.99 -4.83
C ALA A 21 -2.98 -4.75 -3.78
N ILE A 22 -2.49 -5.92 -3.39
CA ILE A 22 -3.17 -6.73 -2.40
C ILE A 22 -2.38 -6.79 -1.09
N LYS A 23 -1.09 -6.49 -1.18
CA LYS A 23 -0.22 -6.48 0.00
C LYS A 23 0.83 -5.40 -0.10
N CYS A 24 1.70 -5.33 0.90
CA CYS A 24 2.77 -4.33 0.92
C CYS A 24 3.85 -4.67 -0.10
N VAL A 25 4.62 -3.66 -0.52
CA VAL A 25 5.68 -3.86 -1.48
C VAL A 25 7.06 -3.77 -0.82
N ALA A 26 7.07 -3.94 0.50
CA ALA A 26 8.32 -3.88 1.26
C ALA A 26 8.38 -5.00 2.29
N CYS A 27 7.28 -5.23 2.99
CA CYS A 27 7.20 -6.27 4.00
C CYS A 27 6.25 -7.38 3.57
N GLU A 28 5.48 -7.12 2.51
CA GLU A 28 4.53 -8.10 2.00
C GLU A 28 3.40 -8.34 3.01
N THR A 29 2.84 -7.24 3.53
CA THR A 29 1.76 -7.33 4.49
C THR A 29 0.40 -7.39 3.80
N PRO A 30 -0.54 -8.15 4.39
CA PRO A 30 -1.89 -8.31 3.85
C PRO A 30 -2.71 -7.03 3.95
N LYS A 31 -3.02 -6.44 2.79
CA LYS A 31 -3.81 -5.21 2.74
C LYS A 31 -5.10 -5.37 3.53
N PRO A 32 -5.51 -4.29 4.21
CA PRO A 32 -6.75 -4.27 5.01
C PRO A 32 -7.99 -4.34 4.15
ZN ZN B . 4.72 -2.95 5.00
N GLY A 1 -0.27 10.54 -15.68
CA GLY A 1 0.98 10.91 -15.03
C GLY A 1 1.40 9.93 -13.96
N HIS A 2 0.55 9.79 -12.93
CA HIS A 2 0.85 8.87 -11.84
C HIS A 2 -0.28 7.84 -11.69
N MET A 3 0.10 6.56 -11.62
CA MET A 3 -0.87 5.48 -11.47
C MET A 3 -1.24 5.29 -10.00
N VAL A 4 -1.81 6.31 -9.39
CA VAL A 4 -2.22 6.24 -7.99
C VAL A 4 -3.57 6.91 -7.78
N ILE A 5 -4.44 6.25 -7.02
CA ILE A 5 -5.77 6.78 -6.73
C ILE A 5 -6.03 6.83 -5.23
N GLY A 6 -5.17 6.16 -4.47
CA GLY A 6 -5.33 6.14 -3.03
C GLY A 6 -4.35 5.20 -2.35
N THR A 7 -3.06 5.49 -2.48
CA THR A 7 -2.02 4.66 -1.88
C THR A 7 -2.21 4.56 -0.37
N TRP A 8 -2.04 3.36 0.17
CA TRP A 8 -2.18 3.13 1.60
C TRP A 8 -0.81 2.98 2.26
N ASP A 9 -0.67 3.57 3.44
CA ASP A 9 0.59 3.49 4.18
C ASP A 9 0.56 2.35 5.20
N CYS A 10 1.62 1.55 5.22
CA CYS A 10 1.72 0.43 6.14
C CYS A 10 1.60 0.89 7.58
N ASP A 11 1.58 -0.06 8.52
CA ASP A 11 1.47 0.26 9.93
C ASP A 11 2.48 -0.56 10.74
N THR A 12 3.35 -1.28 10.05
CA THR A 12 4.36 -2.10 10.71
C THR A 12 5.75 -1.78 10.19
N CYS A 13 5.92 -1.87 8.87
CA CYS A 13 7.21 -1.58 8.25
C CYS A 13 7.30 -0.12 7.83
N LEU A 14 6.15 0.53 7.70
CA LEU A 14 6.10 1.93 7.30
C LEU A 14 6.46 2.09 5.82
N VAL A 15 5.56 1.67 4.95
CA VAL A 15 5.78 1.77 3.52
C VAL A 15 4.46 1.99 2.77
N GLN A 16 4.45 2.96 1.86
CA GLN A 16 3.25 3.26 1.08
C GLN A 16 3.11 2.30 -0.10
N ASN A 17 1.87 2.01 -0.47
CA ASN A 17 1.60 1.10 -1.58
C ASN A 17 0.36 1.54 -2.35
N LYS A 18 0.27 1.12 -3.61
CA LYS A 18 -0.86 1.48 -4.46
C LYS A 18 -2.12 0.73 -4.03
N PRO A 19 -3.27 1.36 -4.20
CA PRO A 19 -4.57 0.77 -3.84
C PRO A 19 -4.96 -0.38 -4.75
N GLU A 20 -4.20 -0.56 -5.83
CA GLU A 20 -4.46 -1.63 -6.78
C GLU A 20 -3.75 -2.92 -6.36
N ALA A 21 -2.93 -2.82 -5.33
CA ALA A 21 -2.19 -3.98 -4.83
C ALA A 21 -3.01 -4.73 -3.79
N ILE A 22 -2.50 -5.89 -3.37
CA ILE A 22 -3.18 -6.70 -2.38
C ILE A 22 -2.38 -6.77 -1.07
N LYS A 23 -1.09 -6.46 -1.16
CA LYS A 23 -0.22 -6.48 0.01
C LYS A 23 0.88 -5.42 -0.11
N CYS A 24 1.70 -5.31 0.91
CA CYS A 24 2.79 -4.34 0.93
C CYS A 24 3.88 -4.73 -0.08
N VAL A 25 4.60 -3.74 -0.56
CA VAL A 25 5.68 -3.98 -1.53
C VAL A 25 7.04 -3.86 -0.86
N ALA A 26 7.06 -3.97 0.46
CA ALA A 26 8.31 -3.88 1.21
C ALA A 26 8.40 -4.99 2.26
N CYS A 27 7.31 -5.19 2.99
CA CYS A 27 7.27 -6.21 4.03
C CYS A 27 6.34 -7.36 3.62
N GLU A 28 5.53 -7.12 2.59
CA GLU A 28 4.60 -8.14 2.11
C GLU A 28 3.46 -8.36 3.10
N THR A 29 2.87 -7.26 3.56
CA THR A 29 1.78 -7.34 4.52
C THR A 29 0.43 -7.40 3.82
N PRO A 30 -0.52 -8.15 4.40
CA PRO A 30 -1.86 -8.31 3.84
C PRO A 30 -2.68 -7.03 3.94
N LYS A 31 -3.03 -6.47 2.78
CA LYS A 31 -3.82 -5.24 2.74
C LYS A 31 -5.15 -5.42 3.47
N PRO A 32 -5.60 -4.37 4.15
CA PRO A 32 -6.86 -4.38 4.90
C PRO A 32 -8.07 -4.42 3.98
ZN ZN B . 4.73 -2.94 5.00
N GLY A 1 -6.02 13.18 -14.41
CA GLY A 1 -6.07 14.32 -13.50
C GLY A 1 -4.74 14.57 -12.81
N HIS A 2 -4.18 13.53 -12.20
CA HIS A 2 -2.91 13.64 -11.51
C HIS A 2 -2.44 12.28 -11.00
N MET A 3 -1.33 12.28 -10.27
CA MET A 3 -0.78 11.04 -9.72
C MET A 3 -1.80 10.35 -8.81
N VAL A 4 -1.63 9.04 -8.64
CA VAL A 4 -2.53 8.27 -7.79
C VAL A 4 -2.53 8.80 -6.36
N ILE A 5 -3.71 9.06 -5.83
CA ILE A 5 -3.85 9.57 -4.47
C ILE A 5 -4.67 8.62 -3.60
N GLY A 6 -4.46 7.32 -3.80
CA GLY A 6 -5.18 6.33 -3.03
C GLY A 6 -4.26 5.32 -2.38
N THR A 7 -2.96 5.56 -2.47
CA THR A 7 -1.97 4.67 -1.88
C THR A 7 -2.15 4.58 -0.37
N TRP A 8 -2.02 3.36 0.16
CA TRP A 8 -2.17 3.13 1.59
C TRP A 8 -0.81 2.98 2.27
N ASP A 9 -0.68 3.56 3.45
CA ASP A 9 0.58 3.49 4.20
C ASP A 9 0.55 2.34 5.20
N CYS A 10 1.64 1.58 5.25
CA CYS A 10 1.75 0.45 6.15
C CYS A 10 1.68 0.91 7.61
N ASP A 11 1.65 -0.05 8.52
CA ASP A 11 1.60 0.26 9.95
C ASP A 11 2.53 -0.66 10.74
N THR A 12 3.40 -1.37 10.02
CA THR A 12 4.35 -2.29 10.66
C THR A 12 5.76 -2.05 10.14
N CYS A 13 5.87 -1.75 8.85
CA CYS A 13 7.16 -1.50 8.23
C CYS A 13 7.27 -0.05 7.74
N LEU A 14 6.16 0.67 7.79
CA LEU A 14 6.12 2.06 7.36
C LEU A 14 6.48 2.17 5.88
N VAL A 15 5.53 1.82 5.01
CA VAL A 15 5.75 1.88 3.57
C VAL A 15 4.42 2.06 2.83
N GLN A 16 4.40 3.01 1.90
CA GLN A 16 3.20 3.28 1.12
C GLN A 16 3.09 2.32 -0.07
N ASN A 17 1.87 2.03 -0.48
CA ASN A 17 1.62 1.12 -1.59
C ASN A 17 0.39 1.55 -2.38
N LYS A 18 0.32 1.13 -3.64
CA LYS A 18 -0.82 1.45 -4.50
C LYS A 18 -2.07 0.71 -4.05
N PRO A 19 -3.24 1.35 -4.22
CA PRO A 19 -4.53 0.77 -3.83
C PRO A 19 -4.93 -0.39 -4.74
N GLU A 20 -4.18 -0.57 -5.83
CA GLU A 20 -4.47 -1.64 -6.78
C GLU A 20 -3.77 -2.93 -6.35
N ALA A 21 -2.92 -2.83 -5.33
CA ALA A 21 -2.19 -3.99 -4.84
C ALA A 21 -2.99 -4.74 -3.78
N ILE A 22 -2.50 -5.91 -3.38
CA ILE A 22 -3.17 -6.72 -2.38
C ILE A 22 -2.38 -6.78 -1.08
N LYS A 23 -1.08 -6.48 -1.18
CA LYS A 23 -0.22 -6.49 -0.01
C LYS A 23 0.88 -5.42 -0.13
N CYS A 24 1.72 -5.32 0.90
CA CYS A 24 2.79 -4.34 0.90
C CYS A 24 3.86 -4.70 -0.12
N VAL A 25 4.65 -3.71 -0.52
CA VAL A 25 5.72 -3.93 -1.49
C VAL A 25 7.08 -3.84 -0.83
N ALA A 26 7.11 -3.95 0.49
CA ALA A 26 8.35 -3.88 1.24
C ALA A 26 8.42 -4.98 2.30
N CYS A 27 7.30 -5.21 2.97
CA CYS A 27 7.23 -6.23 4.01
C CYS A 27 6.28 -7.37 3.60
N GLU A 28 5.50 -7.13 2.54
CA GLU A 28 4.56 -8.12 2.05
C GLU A 28 3.43 -8.34 3.05
N THR A 29 2.84 -7.25 3.53
CA THR A 29 1.76 -7.33 4.50
C THR A 29 0.41 -7.40 3.80
N PRO A 30 -0.53 -8.15 4.39
CA PRO A 30 -1.88 -8.31 3.85
C PRO A 30 -2.70 -7.05 3.95
N LYS A 31 -3.02 -6.46 2.81
CA LYS A 31 -3.82 -5.23 2.76
C LYS A 31 -5.14 -5.42 3.50
N PRO A 32 -5.59 -4.36 4.19
CA PRO A 32 -6.84 -4.38 4.95
C PRO A 32 -8.07 -4.43 4.04
ZN ZN B . 4.72 -2.96 4.99
N GLY A 1 -16.24 0.75 -4.70
CA GLY A 1 -15.75 2.13 -4.76
C GLY A 1 -14.26 2.23 -4.52
N HIS A 2 -13.68 3.37 -4.89
CA HIS A 2 -12.24 3.58 -4.70
C HIS A 2 -11.98 4.57 -3.58
N MET A 3 -12.61 4.33 -2.43
CA MET A 3 -12.44 5.20 -1.27
C MET A 3 -10.97 5.55 -1.07
N VAL A 4 -10.09 4.64 -1.46
CA VAL A 4 -8.66 4.87 -1.33
C VAL A 4 -8.23 6.18 -1.99
N ILE A 5 -7.73 7.10 -1.18
CA ILE A 5 -7.29 8.40 -1.68
C ILE A 5 -6.33 8.22 -2.86
N GLY A 6 -5.79 7.02 -3.01
CA GLY A 6 -4.87 6.75 -4.09
C GLY A 6 -3.65 5.97 -3.64
N THR A 7 -3.59 5.66 -2.35
CA THR A 7 -2.48 4.92 -1.79
C THR A 7 -2.66 4.69 -0.30
N TRP A 8 -2.15 3.57 0.20
CA TRP A 8 -2.25 3.24 1.61
C TRP A 8 -0.88 3.00 2.22
N ASP A 9 -0.68 3.53 3.42
CA ASP A 9 0.60 3.38 4.13
C ASP A 9 0.56 2.19 5.08
N CYS A 10 1.72 1.58 5.30
CA CYS A 10 1.82 0.43 6.19
C CYS A 10 1.74 0.87 7.65
N ASP A 11 1.64 -0.11 8.55
CA ASP A 11 1.56 0.18 9.98
C ASP A 11 2.59 -0.65 10.75
N THR A 12 3.39 -1.42 10.02
CA THR A 12 4.41 -2.26 10.64
C THR A 12 5.80 -1.90 10.13
N CYS A 13 5.96 -1.89 8.81
CA CYS A 13 7.23 -1.56 8.19
C CYS A 13 7.26 -0.11 7.74
N LEU A 14 6.10 0.54 7.75
CA LEU A 14 5.99 1.93 7.34
C LEU A 14 6.37 2.10 5.88
N VAL A 15 5.42 1.82 4.99
CA VAL A 15 5.67 1.95 3.55
C VAL A 15 4.36 2.14 2.79
N GLN A 16 4.39 3.05 1.81
CA GLN A 16 3.21 3.33 1.00
C GLN A 16 3.08 2.33 -0.14
N ASN A 17 1.85 2.01 -0.51
CA ASN A 17 1.59 1.07 -1.60
C ASN A 17 0.34 1.47 -2.38
N LYS A 18 0.33 1.15 -3.67
CA LYS A 18 -0.80 1.48 -4.53
C LYS A 18 -2.06 0.74 -4.08
N PRO A 19 -3.22 1.38 -4.25
CA PRO A 19 -4.51 0.80 -3.86
C PRO A 19 -4.92 -0.36 -4.76
N GLU A 20 -4.17 -0.56 -5.84
CA GLU A 20 -4.45 -1.65 -6.78
C GLU A 20 -3.74 -2.93 -6.35
N ALA A 21 -2.91 -2.83 -5.32
CA ALA A 21 -2.18 -3.98 -4.80
C ALA A 21 -3.00 -4.72 -3.75
N ILE A 22 -2.50 -5.88 -3.35
CA ILE A 22 -3.19 -6.69 -2.35
C ILE A 22 -2.39 -6.76 -1.05
N LYS A 23 -1.10 -6.47 -1.14
CA LYS A 23 -0.23 -6.48 0.03
C LYS A 23 0.85 -5.41 -0.09
N CYS A 24 1.70 -5.32 0.93
CA CYS A 24 2.78 -4.34 0.93
C CYS A 24 3.86 -4.70 -0.08
N VAL A 25 4.62 -3.70 -0.50
CA VAL A 25 5.68 -3.91 -1.48
C VAL A 25 7.05 -3.83 -0.82
N ALA A 26 7.08 -3.95 0.50
CA ALA A 26 8.32 -3.89 1.25
C ALA A 26 8.40 -5.02 2.27
N CYS A 27 7.31 -5.22 3.00
CA CYS A 27 7.25 -6.27 4.02
C CYS A 27 6.30 -7.39 3.59
N GLU A 28 5.51 -7.13 2.55
CA GLU A 28 4.57 -8.12 2.04
C GLU A 28 3.43 -8.34 3.04
N THR A 29 2.87 -7.24 3.54
CA THR A 29 1.78 -7.33 4.51
C THR A 29 0.43 -7.38 3.80
N PRO A 30 -0.51 -8.14 4.39
CA PRO A 30 -1.87 -8.28 3.84
C PRO A 30 -2.68 -7.00 3.95
N LYS A 31 -3.02 -6.43 2.80
CA LYS A 31 -3.81 -5.20 2.76
C LYS A 31 -5.14 -5.37 3.48
N PRO A 32 -5.57 -4.32 4.19
CA PRO A 32 -6.83 -4.33 4.93
C PRO A 32 -8.05 -4.35 4.02
ZN ZN B . 4.77 -2.97 5.01
N GLY A 1 2.82 16.91 -9.33
CA GLY A 1 1.57 16.69 -8.64
C GLY A 1 1.09 15.26 -8.73
N HIS A 2 0.75 14.67 -7.59
CA HIS A 2 0.27 13.29 -7.54
C HIS A 2 -1.13 13.19 -8.13
N MET A 3 -1.38 12.11 -8.86
CA MET A 3 -2.69 11.89 -9.48
C MET A 3 -3.47 10.83 -8.71
N VAL A 4 -2.79 9.75 -8.33
CA VAL A 4 -3.42 8.66 -7.59
C VAL A 4 -3.15 8.78 -6.09
N ILE A 5 -3.97 9.58 -5.42
CA ILE A 5 -3.82 9.77 -3.98
C ILE A 5 -4.63 8.75 -3.19
N GLY A 6 -4.43 7.47 -3.51
CA GLY A 6 -5.14 6.42 -2.83
C GLY A 6 -4.21 5.47 -2.10
N THR A 7 -2.95 5.45 -2.50
CA THR A 7 -1.96 4.58 -1.89
C THR A 7 -2.15 4.49 -0.38
N TRP A 8 -2.02 3.29 0.16
CA TRP A 8 -2.18 3.07 1.59
C TRP A 8 -0.83 2.96 2.29
N ASP A 9 -0.73 3.57 3.46
CA ASP A 9 0.51 3.55 4.23
C ASP A 9 0.54 2.34 5.17
N CYS A 10 1.71 1.73 5.30
CA CYS A 10 1.88 0.57 6.17
C CYS A 10 2.00 0.99 7.64
N ASP A 11 1.57 0.12 8.53
CA ASP A 11 1.63 0.40 9.97
C ASP A 11 2.56 -0.58 10.67
N THR A 12 3.40 -1.27 9.89
CA THR A 12 4.34 -2.24 10.44
C THR A 12 5.75 -1.96 9.97
N CYS A 13 5.91 -1.78 8.65
CA CYS A 13 7.22 -1.51 8.08
C CYS A 13 7.30 -0.07 7.58
N LEU A 14 6.20 0.67 7.71
CA LEU A 14 6.15 2.06 7.28
C LEU A 14 6.49 2.17 5.79
N VAL A 15 5.47 2.12 4.95
CA VAL A 15 5.66 2.22 3.51
C VAL A 15 4.32 2.32 2.78
N GLN A 16 4.26 3.23 1.82
CA GLN A 16 3.04 3.43 1.04
C GLN A 16 2.96 2.46 -0.13
N ASN A 17 1.76 2.02 -0.46
CA ASN A 17 1.56 1.08 -1.57
C ASN A 17 0.30 1.44 -2.36
N LYS A 18 0.33 1.17 -3.66
CA LYS A 18 -0.79 1.46 -4.53
C LYS A 18 -2.04 0.73 -4.07
N PRO A 19 -3.21 1.38 -4.23
CA PRO A 19 -4.49 0.80 -3.83
C PRO A 19 -4.90 -0.37 -4.72
N GLU A 20 -4.18 -0.55 -5.82
CA GLU A 20 -4.47 -1.63 -6.76
C GLU A 20 -3.76 -2.92 -6.34
N ALA A 21 -2.91 -2.82 -5.33
CA ALA A 21 -2.17 -3.97 -4.84
C ALA A 21 -2.98 -4.74 -3.80
N ILE A 22 -2.47 -5.89 -3.39
CA ILE A 22 -3.16 -6.73 -2.40
C ILE A 22 -2.34 -6.80 -1.11
N LYS A 23 -1.05 -6.52 -1.21
CA LYS A 23 -0.17 -6.55 -0.04
C LYS A 23 0.91 -5.47 -0.15
N CYS A 24 1.74 -5.38 0.87
CA CYS A 24 2.81 -4.39 0.90
C CYS A 24 3.93 -4.76 -0.08
N VAL A 25 4.65 -3.76 -0.55
CA VAL A 25 5.74 -3.98 -1.50
C VAL A 25 7.09 -3.90 -0.80
N ALA A 26 7.08 -3.98 0.52
CA ALA A 26 8.30 -3.91 1.31
C ALA A 26 8.36 -5.04 2.33
N CYS A 27 7.26 -5.24 3.05
CA CYS A 27 7.17 -6.28 4.06
C CYS A 27 6.23 -7.38 3.63
N GLU A 28 5.49 -7.14 2.55
CA GLU A 28 4.55 -8.13 2.03
C GLU A 28 3.40 -8.35 3.01
N THR A 29 2.87 -7.26 3.55
CA THR A 29 1.77 -7.34 4.51
C THR A 29 0.43 -7.43 3.80
N PRO A 30 -0.50 -8.19 4.38
CA PRO A 30 -1.85 -8.38 3.83
C PRO A 30 -2.69 -7.11 3.91
N LYS A 31 -2.98 -6.51 2.77
CA LYS A 31 -3.77 -5.30 2.72
C LYS A 31 -5.09 -5.47 3.49
N PRO A 32 -5.51 -4.40 4.17
CA PRO A 32 -6.76 -4.42 4.95
C PRO A 32 -8.00 -4.48 4.07
ZN ZN B . 4.77 -2.93 4.97
N GLY A 1 1.64 13.23 -15.77
CA GLY A 1 0.26 13.15 -15.34
C GLY A 1 0.12 13.25 -13.83
N HIS A 2 -1.12 13.30 -13.35
CA HIS A 2 -1.38 13.39 -11.92
C HIS A 2 -0.75 12.23 -11.18
N MET A 3 -0.71 12.33 -9.85
CA MET A 3 -0.13 11.29 -9.02
C MET A 3 -1.20 10.58 -8.20
N VAL A 4 -0.91 9.35 -7.79
CA VAL A 4 -1.86 8.57 -7.00
C VAL A 4 -1.72 8.88 -5.52
N ILE A 5 -2.85 9.18 -4.88
CA ILE A 5 -2.86 9.50 -3.46
C ILE A 5 -3.57 8.42 -2.65
N GLY A 6 -4.41 7.65 -3.33
CA GLY A 6 -5.15 6.58 -2.67
C GLY A 6 -4.23 5.60 -1.96
N THR A 7 -2.99 5.51 -2.44
CA THR A 7 -2.03 4.60 -1.85
C THR A 7 -2.19 4.51 -0.33
N TRP A 8 -2.04 3.31 0.20
CA TRP A 8 -2.18 3.08 1.64
C TRP A 8 -0.82 2.97 2.31
N ASP A 9 -0.68 3.59 3.48
CA ASP A 9 0.57 3.57 4.22
C ASP A 9 0.57 2.43 5.24
N CYS A 10 1.64 1.62 5.23
CA CYS A 10 1.75 0.49 6.14
C CYS A 10 1.72 0.98 7.60
N ASP A 11 1.69 0.03 8.52
CA ASP A 11 1.65 0.36 9.94
C ASP A 11 2.59 -0.57 10.72
N THR A 12 3.45 -1.28 10.01
CA THR A 12 4.39 -2.21 10.64
C THR A 12 5.79 -1.99 10.10
N CYS A 13 5.90 -1.70 8.81
CA CYS A 13 7.20 -1.48 8.18
C CYS A 13 7.31 -0.05 7.68
N LEU A 14 6.21 0.69 7.74
CA LEU A 14 6.19 2.08 7.28
C LEU A 14 6.53 2.18 5.80
N VAL A 15 5.57 1.84 4.95
CA VAL A 15 5.76 1.89 3.51
C VAL A 15 4.44 2.08 2.78
N GLN A 16 4.41 3.04 1.86
CA GLN A 16 3.20 3.32 1.10
C GLN A 16 3.08 2.37 -0.10
N ASN A 17 1.85 2.03 -0.45
CA ASN A 17 1.59 1.12 -1.57
C ASN A 17 0.35 1.56 -2.35
N LYS A 18 0.26 1.14 -3.61
CA LYS A 18 -0.87 1.47 -4.45
C LYS A 18 -2.12 0.71 -4.01
N PRO A 19 -3.29 1.35 -4.17
CA PRO A 19 -4.58 0.74 -3.80
C PRO A 19 -4.96 -0.41 -4.72
N GLU A 20 -4.21 -0.58 -5.80
CA GLU A 20 -4.48 -1.65 -6.76
C GLU A 20 -3.76 -2.93 -6.36
N ALA A 21 -2.92 -2.83 -5.33
CA ALA A 21 -2.17 -3.98 -4.84
C ALA A 21 -2.98 -4.77 -3.81
N ILE A 22 -2.45 -5.92 -3.42
CA ILE A 22 -3.12 -6.77 -2.44
C ILE A 22 -2.31 -6.87 -1.15
N LYS A 23 -1.05 -6.44 -1.21
CA LYS A 23 -0.17 -6.48 -0.05
C LYS A 23 0.89 -5.39 -0.14
N CYS A 24 1.77 -5.34 0.86
CA CYS A 24 2.84 -4.35 0.89
C CYS A 24 3.96 -4.73 -0.08
N VAL A 25 4.66 -3.71 -0.59
CA VAL A 25 5.74 -3.93 -1.53
C VAL A 25 7.09 -3.85 -0.84
N ALA A 26 7.08 -4.01 0.48
CA ALA A 26 8.31 -3.96 1.26
C ALA A 26 8.35 -5.07 2.30
N CYS A 27 7.25 -5.25 3.02
CA CYS A 27 7.15 -6.29 4.05
C CYS A 27 6.20 -7.39 3.62
N GLU A 28 5.44 -7.14 2.55
CA GLU A 28 4.50 -8.13 2.04
C GLU A 28 3.31 -8.28 2.99
N THR A 29 2.90 -7.18 3.60
CA THR A 29 1.78 -7.19 4.53
C THR A 29 0.45 -7.36 3.80
N PRO A 30 -0.48 -8.08 4.43
CA PRO A 30 -1.81 -8.32 3.85
C PRO A 30 -2.67 -7.06 3.82
N LYS A 31 -2.94 -6.57 2.62
CA LYS A 31 -3.75 -5.36 2.44
C LYS A 31 -5.04 -5.46 3.27
N PRO A 32 -5.46 -4.32 3.83
CA PRO A 32 -6.67 -4.25 4.64
C PRO A 32 -7.94 -4.42 3.81
ZN ZN B . 4.70 -2.93 4.99
N GLY A 1 -3.80 10.39 -15.47
CA GLY A 1 -2.77 11.00 -16.30
C GLY A 1 -1.37 10.62 -15.85
N HIS A 2 -0.97 11.12 -14.68
CA HIS A 2 0.35 10.83 -14.14
C HIS A 2 0.25 10.24 -12.74
N MET A 3 -0.85 10.53 -12.06
CA MET A 3 -1.07 10.02 -10.70
C MET A 3 -2.43 9.33 -10.60
N VAL A 4 -2.63 8.60 -9.51
CA VAL A 4 -3.89 7.90 -9.29
C VAL A 4 -4.63 8.47 -8.07
N ILE A 5 -3.98 9.39 -7.37
CA ILE A 5 -4.57 10.01 -6.20
C ILE A 5 -5.08 8.96 -5.21
N GLY A 6 -4.33 7.88 -5.07
CA GLY A 6 -4.71 6.82 -4.17
C GLY A 6 -3.53 6.00 -3.70
N THR A 7 -3.49 5.70 -2.39
CA THR A 7 -2.40 4.92 -1.82
C THR A 7 -2.62 4.70 -0.33
N TRP A 8 -2.11 3.58 0.18
CA TRP A 8 -2.25 3.25 1.59
C TRP A 8 -0.88 3.01 2.23
N ASP A 9 -0.69 3.56 3.41
CA ASP A 9 0.58 3.41 4.14
C ASP A 9 0.54 2.18 5.05
N CYS A 10 1.72 1.63 5.33
CA CYS A 10 1.82 0.46 6.19
C CYS A 10 1.79 0.85 7.67
N ASP A 11 1.58 -0.13 8.52
CA ASP A 11 1.53 0.11 9.97
C ASP A 11 2.55 -0.75 10.70
N THR A 12 3.29 -1.56 9.95
CA THR A 12 4.31 -2.43 10.52
C THR A 12 5.71 -2.03 10.06
N CYS A 13 5.90 -1.97 8.74
CA CYS A 13 7.19 -1.61 8.17
C CYS A 13 7.18 -0.13 7.75
N LEU A 14 6.02 0.48 7.76
CA LEU A 14 5.88 1.88 7.37
C LEU A 14 6.29 2.08 5.91
N VAL A 15 5.32 1.98 5.02
CA VAL A 15 5.57 2.16 3.59
C VAL A 15 4.27 2.34 2.82
N GLN A 16 4.30 3.21 1.81
CA GLN A 16 3.13 3.47 0.99
C GLN A 16 3.05 2.49 -0.18
N ASN A 17 1.83 2.07 -0.51
CA ASN A 17 1.61 1.13 -1.61
C ASN A 17 0.38 1.50 -2.41
N LYS A 18 0.37 1.15 -3.69
CA LYS A 18 -0.76 1.45 -4.57
C LYS A 18 -2.00 0.73 -4.09
N PRO A 19 -3.17 1.38 -4.26
CA PRO A 19 -4.46 0.82 -3.86
C PRO A 19 -4.88 -0.35 -4.74
N GLU A 20 -4.15 -0.55 -5.83
CA GLU A 20 -4.46 -1.65 -6.76
C GLU A 20 -3.75 -2.93 -6.33
N ALA A 21 -2.91 -2.82 -5.32
CA ALA A 21 -2.18 -3.99 -4.81
C ALA A 21 -2.98 -4.72 -3.75
N ILE A 22 -2.51 -5.89 -3.35
CA ILE A 22 -3.19 -6.70 -2.35
C ILE A 22 -2.37 -6.77 -1.06
N LYS A 23 -1.08 -6.52 -1.17
CA LYS A 23 -0.18 -6.55 -0.02
C LYS A 23 0.91 -5.49 -0.14
N CYS A 24 1.70 -5.34 0.92
CA CYS A 24 2.78 -4.36 0.92
C CYS A 24 3.85 -4.72 -0.10
N VAL A 25 4.62 -3.73 -0.53
CA VAL A 25 5.68 -3.94 -1.51
C VAL A 25 7.06 -3.88 -0.86
N ALA A 26 7.07 -3.97 0.47
CA ALA A 26 8.33 -3.92 1.22
C ALA A 26 8.39 -5.05 2.25
N CYS A 27 7.30 -5.23 3.00
CA CYS A 27 7.24 -6.27 4.02
C CYS A 27 6.28 -7.38 3.59
N GLU A 28 5.52 -7.12 2.53
CA GLU A 28 4.56 -8.10 2.03
C GLU A 28 3.43 -8.33 3.04
N THR A 29 2.87 -7.24 3.54
CA THR A 29 1.79 -7.32 4.52
C THR A 29 0.43 -7.39 3.82
N PRO A 30 -0.50 -8.14 4.43
CA PRO A 30 -1.86 -8.29 3.89
C PRO A 30 -2.68 -7.01 3.98
N LYS A 31 -3.03 -6.46 2.83
CA LYS A 31 -3.82 -5.23 2.79
C LYS A 31 -5.15 -5.41 3.50
N PRO A 32 -5.60 -4.36 4.20
CA PRO A 32 -6.87 -4.38 4.94
C PRO A 32 -8.08 -4.41 4.01
ZN ZN B . 4.76 -2.96 5.00
N GLY A 1 -0.13 19.88 -11.60
CA GLY A 1 -0.50 18.56 -12.08
C GLY A 1 -1.53 17.89 -11.19
N HIS A 2 -1.66 16.58 -11.33
CA HIS A 2 -2.62 15.82 -10.54
C HIS A 2 -1.94 14.66 -9.81
N MET A 3 -2.05 14.65 -8.48
CA MET A 3 -1.43 13.61 -7.67
C MET A 3 -2.50 12.80 -6.94
N VAL A 4 -2.60 11.52 -7.30
CA VAL A 4 -3.58 10.64 -6.67
C VAL A 4 -3.19 10.31 -5.24
N ILE A 5 -4.19 10.24 -4.36
CA ILE A 5 -3.96 9.94 -2.96
C ILE A 5 -4.71 8.69 -2.53
N GLY A 6 -4.48 7.58 -3.25
CA GLY A 6 -5.14 6.34 -2.93
C GLY A 6 -4.23 5.35 -2.23
N THR A 7 -2.92 5.48 -2.50
CA THR A 7 -1.94 4.59 -1.88
C THR A 7 -2.14 4.51 -0.38
N TRP A 8 -2.02 3.29 0.16
CA TRP A 8 -2.18 3.07 1.59
C TRP A 8 -0.83 2.99 2.30
N ASP A 9 -0.74 3.58 3.48
CA ASP A 9 0.50 3.58 4.25
C ASP A 9 0.52 2.39 5.22
N CYS A 10 1.66 1.71 5.27
CA CYS A 10 1.82 0.55 6.15
C CYS A 10 1.91 1.00 7.61
N ASP A 11 1.59 0.08 8.52
CA ASP A 11 1.63 0.37 9.95
C ASP A 11 2.57 -0.59 10.67
N THR A 12 3.42 -1.27 9.91
CA THR A 12 4.36 -2.23 10.47
C THR A 12 5.78 -1.97 9.97
N CYS A 13 5.90 -1.78 8.66
CA CYS A 13 7.20 -1.53 8.05
C CYS A 13 7.31 -0.08 7.57
N LEU A 14 6.22 0.67 7.72
CA LEU A 14 6.19 2.06 7.31
C LEU A 14 6.53 2.20 5.83
N VAL A 15 5.51 2.06 4.98
CA VAL A 15 5.71 2.18 3.53
C VAL A 15 4.37 2.27 2.81
N GLN A 16 4.30 3.18 1.83
CA GLN A 16 3.08 3.37 1.06
C GLN A 16 3.01 2.39 -0.10
N ASN A 17 1.80 2.02 -0.48
CA ASN A 17 1.59 1.08 -1.58
C ASN A 17 0.34 1.44 -2.37
N LYS A 18 0.36 1.16 -3.68
CA LYS A 18 -0.77 1.45 -4.55
C LYS A 18 -2.02 0.72 -4.07
N PRO A 19 -3.18 1.37 -4.22
CA PRO A 19 -4.47 0.80 -3.82
C PRO A 19 -4.89 -0.36 -4.72
N GLU A 20 -4.16 -0.55 -5.82
CA GLU A 20 -4.46 -1.63 -6.75
C GLU A 20 -3.77 -2.92 -6.34
N ALA A 21 -2.91 -2.82 -5.33
CA ALA A 21 -2.18 -3.98 -4.84
C ALA A 21 -2.98 -4.73 -3.78
N ILE A 22 -2.50 -5.92 -3.41
CA ILE A 22 -3.17 -6.74 -2.41
C ILE A 22 -2.35 -6.81 -1.12
N LYS A 23 -1.06 -6.57 -1.24
CA LYS A 23 -0.17 -6.61 -0.08
C LYS A 23 0.89 -5.51 -0.17
N CYS A 24 1.74 -5.43 0.84
CA CYS A 24 2.81 -4.43 0.87
C CYS A 24 3.92 -4.79 -0.10
N VAL A 25 4.63 -3.78 -0.58
CA VAL A 25 5.73 -4.00 -1.51
C VAL A 25 7.09 -3.87 -0.81
N ALA A 26 7.06 -3.96 0.52
CA ALA A 26 8.28 -3.85 1.30
C ALA A 26 8.37 -4.96 2.35
N CYS A 27 7.25 -5.20 3.02
CA CYS A 27 7.19 -6.24 4.06
C CYS A 27 6.26 -7.37 3.63
N GLU A 28 5.49 -7.14 2.57
CA GLU A 28 4.56 -8.14 2.06
C GLU A 28 3.42 -8.36 3.05
N THR A 29 2.85 -7.27 3.55
CA THR A 29 1.75 -7.36 4.50
C THR A 29 0.41 -7.42 3.78
N PRO A 30 -0.53 -8.19 4.36
CA PRO A 30 -1.87 -8.35 3.79
C PRO A 30 -2.71 -7.08 3.90
N LYS A 31 -3.00 -6.47 2.77
CA LYS A 31 -3.80 -5.25 2.73
C LYS A 31 -5.10 -5.43 3.50
N PRO A 32 -5.53 -4.36 4.20
CA PRO A 32 -6.76 -4.38 4.99
C PRO A 32 -8.00 -4.42 4.11
ZN ZN B . 4.72 -2.92 4.94
N GLY A 1 3.09 16.58 -10.12
CA GLY A 1 3.38 16.00 -11.43
C GLY A 1 2.52 14.79 -11.74
N HIS A 2 3.08 13.83 -12.46
CA HIS A 2 2.35 12.62 -12.82
C HIS A 2 2.55 11.54 -11.76
N MET A 3 1.44 11.05 -11.22
CA MET A 3 1.48 10.01 -10.20
C MET A 3 0.11 9.40 -9.99
N VAL A 4 0.06 8.08 -9.78
CA VAL A 4 -1.20 7.39 -9.55
C VAL A 4 -1.99 8.01 -8.41
N ILE A 5 -3.31 7.92 -8.49
CA ILE A 5 -4.18 8.48 -7.47
C ILE A 5 -4.58 7.43 -6.44
N GLY A 6 -4.42 7.77 -5.17
CA GLY A 6 -4.76 6.84 -4.11
C GLY A 6 -3.58 6.01 -3.65
N THR A 7 -3.54 5.71 -2.35
CA THR A 7 -2.44 4.93 -1.79
C THR A 7 -2.65 4.69 -0.30
N TRP A 8 -2.11 3.59 0.20
CA TRP A 8 -2.23 3.25 1.62
C TRP A 8 -0.86 3.02 2.24
N ASP A 9 -0.65 3.58 3.42
CA ASP A 9 0.62 3.43 4.13
C ASP A 9 0.59 2.21 5.05
N CYS A 10 1.76 1.66 5.33
CA CYS A 10 1.87 0.49 6.20
C CYS A 10 1.89 0.91 7.66
N ASP A 11 1.76 -0.07 8.55
CA ASP A 11 1.76 0.19 9.99
C ASP A 11 2.76 -0.72 10.70
N THR A 12 3.40 -1.61 9.95
CA THR A 12 4.37 -2.53 10.51
C THR A 12 5.78 -2.20 10.01
N CYS A 13 5.89 -1.85 8.74
CA CYS A 13 7.18 -1.51 8.14
C CYS A 13 7.19 -0.07 7.65
N LEU A 14 6.05 0.60 7.77
CA LEU A 14 5.93 1.99 7.33
C LEU A 14 6.33 2.13 5.87
N VAL A 15 5.34 2.04 4.98
CA VAL A 15 5.59 2.16 3.55
C VAL A 15 4.29 2.34 2.78
N GLN A 16 4.32 3.21 1.78
CA GLN A 16 3.14 3.47 0.96
C GLN A 16 3.04 2.48 -0.20
N ASN A 17 1.83 2.07 -0.52
CA ASN A 17 1.60 1.12 -1.62
C ASN A 17 0.35 1.50 -2.40
N LYS A 18 0.34 1.16 -3.68
CA LYS A 18 -0.78 1.46 -4.56
C LYS A 18 -2.04 0.72 -4.08
N PRO A 19 -3.20 1.38 -4.25
CA PRO A 19 -4.49 0.81 -3.85
C PRO A 19 -4.90 -0.36 -4.74
N GLU A 20 -4.17 -0.56 -5.83
CA GLU A 20 -4.47 -1.64 -6.76
C GLU A 20 -3.76 -2.93 -6.34
N ALA A 21 -2.91 -2.83 -5.32
CA ALA A 21 -2.17 -3.98 -4.83
C ALA A 21 -2.98 -4.73 -3.78
N ILE A 22 -2.49 -5.91 -3.38
CA ILE A 22 -3.17 -6.73 -2.40
C ILE A 22 -2.37 -6.79 -1.09
N LYS A 23 -1.08 -6.51 -1.18
CA LYS A 23 -0.22 -6.53 -0.01
C LYS A 23 0.87 -5.46 -0.13
N CYS A 24 1.70 -5.34 0.92
CA CYS A 24 2.76 -4.35 0.94
C CYS A 24 3.86 -4.73 -0.06
N VAL A 25 4.62 -3.73 -0.49
CA VAL A 25 5.70 -3.94 -1.45
C VAL A 25 7.06 -3.85 -0.78
N ALA A 26 7.06 -3.92 0.55
CA ALA A 26 8.29 -3.84 1.32
C ALA A 26 8.39 -4.96 2.35
N CYS A 27 7.27 -5.22 3.03
CA CYS A 27 7.21 -6.27 4.04
C CYS A 27 6.29 -7.40 3.60
N GLU A 28 5.50 -7.14 2.57
CA GLU A 28 4.57 -8.14 2.05
C GLU A 28 3.42 -8.39 3.03
N THR A 29 2.85 -7.30 3.54
CA THR A 29 1.75 -7.40 4.50
C THR A 29 0.40 -7.45 3.79
N PRO A 30 -0.54 -8.21 4.35
CA PRO A 30 -1.88 -8.36 3.78
C PRO A 30 -2.71 -7.09 3.91
N LYS A 31 -3.05 -6.50 2.77
CA LYS A 31 -3.85 -5.27 2.75
C LYS A 31 -5.17 -5.47 3.46
N PRO A 32 -5.63 -4.44 4.18
CA PRO A 32 -6.90 -4.48 4.91
C PRO A 32 -8.11 -4.49 4.00
ZN ZN B . 4.76 -2.97 5.00
N GLY A 1 -18.31 4.18 -12.45
CA GLY A 1 -18.08 2.76 -12.22
C GLY A 1 -17.53 2.48 -10.85
N HIS A 2 -16.21 2.34 -10.74
CA HIS A 2 -15.57 2.06 -9.46
C HIS A 2 -14.77 3.27 -8.99
N MET A 3 -14.11 3.12 -7.85
CA MET A 3 -13.31 4.21 -7.28
C MET A 3 -12.25 3.66 -6.33
N VAL A 4 -11.23 4.46 -6.06
CA VAL A 4 -10.15 4.05 -5.16
C VAL A 4 -10.01 5.03 -4.00
N ILE A 5 -9.39 4.56 -2.92
CA ILE A 5 -9.19 5.38 -1.74
C ILE A 5 -7.81 6.04 -1.76
N GLY A 6 -6.92 5.52 -2.58
CA GLY A 6 -5.58 6.07 -2.68
C GLY A 6 -4.54 5.20 -2.02
N THR A 7 -3.28 5.40 -2.37
CA THR A 7 -2.18 4.62 -1.81
C THR A 7 -2.32 4.51 -0.30
N TRP A 8 -2.12 3.30 0.22
CA TRP A 8 -2.22 3.07 1.66
C TRP A 8 -0.83 2.93 2.28
N ASP A 9 -0.65 3.52 3.46
CA ASP A 9 0.62 3.47 4.16
C ASP A 9 0.63 2.35 5.21
N CYS A 10 1.69 1.58 5.24
CA CYS A 10 1.82 0.49 6.19
C CYS A 10 1.76 1.00 7.62
N ASP A 11 1.73 0.08 8.59
CA ASP A 11 1.68 0.45 9.99
C ASP A 11 2.67 -0.37 10.80
N THR A 12 3.51 -1.13 10.11
CA THR A 12 4.52 -1.96 10.76
C THR A 12 5.91 -1.68 10.21
N CYS A 13 6.05 -1.81 8.89
CA CYS A 13 7.33 -1.59 8.23
C CYS A 13 7.44 -0.13 7.77
N LEU A 14 6.30 0.54 7.67
CA LEU A 14 6.27 1.94 7.24
C LEU A 14 6.60 2.05 5.75
N VAL A 15 5.65 1.68 4.91
CA VAL A 15 5.84 1.74 3.46
C VAL A 15 4.52 1.97 2.74
N GLN A 16 4.51 2.94 1.84
CA GLN A 16 3.31 3.26 1.08
C GLN A 16 3.14 2.32 -0.10
N ASN A 17 1.88 2.06 -0.47
CA ASN A 17 1.59 1.16 -1.59
C ASN A 17 0.32 1.61 -2.32
N LYS A 18 0.17 1.17 -3.56
CA LYS A 18 -0.98 1.52 -4.36
C LYS A 18 -2.21 0.72 -3.94
N PRO A 19 -3.40 1.31 -4.10
CA PRO A 19 -4.66 0.66 -3.74
C PRO A 19 -5.01 -0.49 -4.67
N GLU A 20 -4.26 -0.61 -5.76
CA GLU A 20 -4.49 -1.67 -6.74
C GLU A 20 -3.73 -2.93 -6.36
N ALA A 21 -2.90 -2.83 -5.33
CA ALA A 21 -2.12 -3.97 -4.85
C ALA A 21 -2.92 -4.80 -3.85
N ILE A 22 -2.37 -5.96 -3.50
CA ILE A 22 -3.03 -6.85 -2.54
C ILE A 22 -2.26 -6.91 -1.23
N LYS A 23 -1.03 -6.43 -1.24
CA LYS A 23 -0.19 -6.41 -0.04
C LYS A 23 0.92 -5.39 -0.17
N CYS A 24 1.64 -5.17 0.92
CA CYS A 24 2.74 -4.20 0.94
C CYS A 24 3.79 -4.56 -0.12
N VAL A 25 4.62 -3.58 -0.47
CA VAL A 25 5.66 -3.79 -1.46
C VAL A 25 7.05 -3.77 -0.81
N ALA A 26 7.09 -4.01 0.50
CA ALA A 26 8.35 -4.02 1.23
C ALA A 26 8.38 -5.14 2.27
N CYS A 27 7.28 -5.28 3.01
CA CYS A 27 7.17 -6.32 4.03
C CYS A 27 6.20 -7.40 3.60
N GLU A 28 5.41 -7.12 2.57
CA GLU A 28 4.44 -8.08 2.07
C GLU A 28 3.27 -8.22 3.03
N THR A 29 2.80 -7.09 3.55
CA THR A 29 1.67 -7.09 4.49
C THR A 29 0.35 -7.31 3.76
N PRO A 30 -0.58 -8.01 4.43
CA PRO A 30 -1.90 -8.31 3.87
C PRO A 30 -2.77 -7.05 3.77
N LYS A 31 -3.08 -6.66 2.55
CA LYS A 31 -3.92 -5.48 2.32
C LYS A 31 -5.23 -5.57 3.11
N PRO A 32 -5.69 -4.42 3.62
CA PRO A 32 -6.93 -4.35 4.39
C PRO A 32 -8.17 -4.58 3.53
ZN ZN B . 4.75 -2.93 5.04
N GLY A 1 -16.17 -0.47 -12.01
CA GLY A 1 -14.85 -0.16 -11.50
C GLY A 1 -14.72 -0.40 -10.01
N HIS A 2 -13.69 0.18 -9.40
CA HIS A 2 -13.46 0.02 -7.97
C HIS A 2 -13.08 1.35 -7.34
N MET A 3 -13.70 1.66 -6.20
CA MET A 3 -13.43 2.91 -5.48
C MET A 3 -11.94 3.08 -5.26
N VAL A 4 -11.46 4.32 -5.40
CA VAL A 4 -10.05 4.62 -5.21
C VAL A 4 -9.86 5.56 -4.02
N ILE A 5 -9.15 5.07 -3.01
CA ILE A 5 -8.89 5.86 -1.81
C ILE A 5 -7.47 6.42 -1.82
N GLY A 6 -6.61 5.83 -2.65
CA GLY A 6 -5.24 6.28 -2.74
C GLY A 6 -4.27 5.34 -2.06
N THR A 7 -3.01 5.40 -2.45
CA THR A 7 -1.98 4.54 -1.87
C THR A 7 -2.11 4.46 -0.36
N TRP A 8 -2.10 3.24 0.17
CA TRP A 8 -2.23 3.03 1.61
C TRP A 8 -0.86 2.92 2.26
N ASP A 9 -0.70 3.57 3.41
CA ASP A 9 0.56 3.55 4.14
C ASP A 9 0.57 2.42 5.17
N CYS A 10 1.63 1.64 5.17
CA CYS A 10 1.77 0.52 6.10
C CYS A 10 1.78 1.03 7.54
N ASP A 11 1.61 0.10 8.49
CA ASP A 11 1.60 0.45 9.90
C ASP A 11 2.52 -0.47 10.69
N THR A 12 3.37 -1.22 9.97
CA THR A 12 4.30 -2.13 10.62
C THR A 12 5.72 -1.91 10.11
N CYS A 13 5.86 -1.72 8.80
CA CYS A 13 7.17 -1.50 8.19
C CYS A 13 7.29 -0.07 7.68
N LEU A 14 6.19 0.66 7.72
CA LEU A 14 6.17 2.05 7.27
C LEU A 14 6.51 2.15 5.79
N VAL A 15 5.53 1.89 4.93
CA VAL A 15 5.73 1.94 3.49
C VAL A 15 4.40 2.12 2.76
N GLN A 16 4.39 3.04 1.80
CA GLN A 16 3.18 3.31 1.03
C GLN A 16 3.05 2.34 -0.15
N ASN A 17 1.83 1.98 -0.47
CA ASN A 17 1.56 1.05 -1.56
C ASN A 17 0.30 1.45 -2.32
N LYS A 18 0.29 1.17 -3.62
CA LYS A 18 -0.87 1.49 -4.46
C LYS A 18 -2.11 0.73 -3.99
N PRO A 19 -3.28 1.36 -4.14
CA PRO A 19 -4.56 0.75 -3.75
C PRO A 19 -4.95 -0.41 -4.65
N GLU A 20 -4.24 -0.57 -5.76
CA GLU A 20 -4.51 -1.63 -6.71
C GLU A 20 -3.77 -2.91 -6.33
N ALA A 21 -2.91 -2.81 -5.32
CA ALA A 21 -2.15 -3.96 -4.85
C ALA A 21 -2.94 -4.78 -3.83
N ILE A 22 -2.41 -5.94 -3.46
CA ILE A 22 -3.07 -6.81 -2.50
C ILE A 22 -2.25 -6.92 -1.22
N LYS A 23 -1.01 -6.45 -1.26
CA LYS A 23 -0.13 -6.50 -0.10
C LYS A 23 0.94 -5.41 -0.18
N CYS A 24 1.80 -5.36 0.82
CA CYS A 24 2.87 -4.37 0.87
C CYS A 24 3.98 -4.73 -0.12
N VAL A 25 4.74 -3.73 -0.56
CA VAL A 25 5.83 -3.94 -1.50
C VAL A 25 7.18 -3.88 -0.78
N ALA A 26 7.16 -4.04 0.53
CA ALA A 26 8.38 -4.00 1.33
C ALA A 26 8.39 -5.12 2.37
N CYS A 27 7.27 -5.29 3.06
CA CYS A 27 7.14 -6.32 4.09
C CYS A 27 6.18 -7.42 3.65
N GLU A 28 5.45 -7.16 2.56
CA GLU A 28 4.50 -8.12 2.04
C GLU A 28 3.30 -8.26 2.97
N THR A 29 2.91 -7.16 3.60
CA THR A 29 1.78 -7.16 4.52
C THR A 29 0.47 -7.32 3.77
N PRO A 30 -0.49 -8.02 4.41
CA PRO A 30 -1.81 -8.27 3.82
C PRO A 30 -2.66 -6.99 3.75
N LYS A 31 -2.92 -6.54 2.53
CA LYS A 31 -3.72 -5.34 2.31
C LYS A 31 -5.03 -5.40 3.08
N PRO A 32 -5.47 -4.26 3.61
CA PRO A 32 -6.71 -4.16 4.38
C PRO A 32 -7.95 -4.34 3.51
ZN ZN B . 4.71 -2.94 4.99
N GLY A 1 -9.18 14.35 -7.16
CA GLY A 1 -8.27 14.85 -8.18
C GLY A 1 -8.04 13.81 -9.28
N HIS A 2 -7.73 14.29 -10.48
CA HIS A 2 -7.48 13.42 -11.62
C HIS A 2 -6.76 12.15 -11.17
N MET A 3 -5.55 12.31 -10.64
CA MET A 3 -4.76 11.17 -10.18
C MET A 3 -5.50 10.42 -9.08
N VAL A 4 -4.96 9.26 -8.70
CA VAL A 4 -5.57 8.43 -7.65
C VAL A 4 -4.71 8.42 -6.40
N ILE A 5 -5.10 9.23 -5.41
CA ILE A 5 -4.36 9.30 -4.15
C ILE A 5 -4.95 8.37 -3.11
N GLY A 6 -5.09 7.09 -3.48
CA GLY A 6 -5.65 6.11 -2.56
C GLY A 6 -4.58 5.28 -1.88
N THR A 7 -3.35 5.38 -2.37
CA THR A 7 -2.23 4.63 -1.81
C THR A 7 -2.35 4.52 -0.30
N TRP A 8 -2.14 3.31 0.21
CA TRP A 8 -2.23 3.08 1.66
C TRP A 8 -0.83 2.95 2.27
N ASP A 9 -0.66 3.52 3.45
CA ASP A 9 0.63 3.47 4.14
C ASP A 9 0.63 2.37 5.20
N CYS A 10 1.71 1.61 5.24
CA CYS A 10 1.84 0.52 6.20
C CYS A 10 1.81 1.05 7.63
N ASP A 11 1.73 0.14 8.60
CA ASP A 11 1.70 0.51 10.01
C ASP A 11 2.71 -0.30 10.81
N THR A 12 3.52 -1.08 10.10
CA THR A 12 4.54 -1.91 10.75
C THR A 12 5.92 -1.62 10.18
N CYS A 13 6.08 -1.83 8.88
CA CYS A 13 7.35 -1.61 8.21
C CYS A 13 7.46 -0.15 7.76
N LEU A 14 6.32 0.52 7.65
CA LEU A 14 6.31 1.92 7.23
C LEU A 14 6.63 2.05 5.74
N VAL A 15 5.67 1.69 4.90
CA VAL A 15 5.85 1.76 3.46
C VAL A 15 4.52 2.00 2.74
N GLN A 16 4.52 2.96 1.82
CA GLN A 16 3.31 3.29 1.07
C GLN A 16 3.13 2.34 -0.11
N ASN A 17 1.87 2.08 -0.48
CA ASN A 17 1.57 1.20 -1.59
C ASN A 17 0.31 1.64 -2.32
N LYS A 18 0.14 1.19 -3.55
CA LYS A 18 -1.02 1.54 -4.35
C LYS A 18 -2.24 0.72 -3.94
N PRO A 19 -3.43 1.31 -4.08
CA PRO A 19 -4.69 0.65 -3.73
C PRO A 19 -5.04 -0.50 -4.66
N GLU A 20 -4.27 -0.61 -5.75
CA GLU A 20 -4.50 -1.67 -6.73
C GLU A 20 -3.73 -2.94 -6.35
N ALA A 21 -2.90 -2.83 -5.31
CA ALA A 21 -2.11 -3.96 -4.85
C ALA A 21 -2.90 -4.80 -3.86
N ILE A 22 -2.35 -5.97 -3.52
CA ILE A 22 -2.99 -6.88 -2.58
C ILE A 22 -2.24 -6.92 -1.26
N LYS A 23 -1.01 -6.46 -1.27
CA LYS A 23 -0.17 -6.44 -0.07
C LYS A 23 0.95 -5.43 -0.20
N CYS A 24 1.63 -5.15 0.92
CA CYS A 24 2.73 -4.20 0.93
C CYS A 24 3.78 -4.58 -0.11
N VAL A 25 4.62 -3.60 -0.48
CA VAL A 25 5.66 -3.83 -1.46
C VAL A 25 7.05 -3.79 -0.81
N ALA A 26 7.09 -4.03 0.50
CA ALA A 26 8.34 -4.02 1.23
C ALA A 26 8.37 -5.14 2.28
N CYS A 27 7.27 -5.28 3.02
CA CYS A 27 7.17 -6.30 4.04
C CYS A 27 6.20 -7.40 3.62
N GLU A 28 5.42 -7.13 2.58
CA GLU A 28 4.45 -8.10 2.08
C GLU A 28 3.28 -8.25 3.05
N THR A 29 2.76 -7.13 3.53
CA THR A 29 1.65 -7.14 4.47
C THR A 29 0.32 -7.34 3.75
N PRO A 30 -0.61 -8.04 4.41
CA PRO A 30 -1.93 -8.33 3.85
C PRO A 30 -2.80 -7.08 3.75
N LYS A 31 -3.11 -6.68 2.52
CA LYS A 31 -3.94 -5.50 2.28
C LYS A 31 -5.25 -5.59 3.06
N PRO A 32 -5.72 -4.44 3.57
CA PRO A 32 -6.96 -4.36 4.34
C PRO A 32 -8.19 -4.59 3.48
ZN ZN B . 4.74 -2.92 5.03
N GLY A 1 4.17 8.47 -15.03
CA GLY A 1 4.27 7.35 -14.13
C GLY A 1 2.92 6.91 -13.58
N HIS A 2 2.23 7.82 -12.91
CA HIS A 2 0.92 7.52 -12.34
C HIS A 2 0.08 8.78 -12.22
N MET A 3 -1.17 8.70 -12.68
CA MET A 3 -2.08 9.84 -12.62
C MET A 3 -3.36 9.48 -11.87
N VAL A 4 -3.30 9.51 -10.55
CA VAL A 4 -4.46 9.19 -9.72
C VAL A 4 -4.16 9.43 -8.25
N ILE A 5 -5.21 9.68 -7.47
CA ILE A 5 -5.06 9.94 -6.04
C ILE A 5 -5.54 8.75 -5.22
N GLY A 6 -4.59 7.89 -4.82
CA GLY A 6 -4.95 6.73 -4.03
C GLY A 6 -3.71 5.95 -3.59
N THR A 7 -3.64 5.65 -2.29
CA THR A 7 -2.52 4.92 -1.74
C THR A 7 -2.69 4.68 -0.24
N TRP A 8 -2.16 3.56 0.25
CA TRP A 8 -2.26 3.23 1.66
C TRP A 8 -0.88 3.01 2.26
N ASP A 9 -0.66 3.56 3.46
CA ASP A 9 0.62 3.41 4.14
C ASP A 9 0.59 2.26 5.13
N CYS A 10 1.72 1.59 5.29
CA CYS A 10 1.83 0.46 6.20
C CYS A 10 1.76 0.92 7.66
N ASP A 11 1.69 -0.03 8.57
CA ASP A 11 1.63 0.28 9.99
C ASP A 11 2.65 -0.54 10.77
N THR A 12 3.41 -1.36 10.06
CA THR A 12 4.43 -2.19 10.69
C THR A 12 5.82 -1.85 10.16
N CYS A 13 5.97 -1.87 8.83
CA CYS A 13 7.24 -1.57 8.20
C CYS A 13 7.28 -0.12 7.74
N LEU A 14 6.13 0.53 7.75
CA LEU A 14 6.02 1.92 7.33
C LEU A 14 6.41 2.08 5.86
N VAL A 15 5.46 1.82 4.97
CA VAL A 15 5.69 1.93 3.54
C VAL A 15 4.39 2.14 2.77
N GLN A 16 4.40 3.05 1.81
CA GLN A 16 3.22 3.34 1.01
C GLN A 16 3.08 2.35 -0.14
N ASN A 17 1.84 2.02 -0.48
CA ASN A 17 1.57 1.08 -1.58
C ASN A 17 0.33 1.49 -2.35
N LYS A 18 0.29 1.15 -3.63
CA LYS A 18 -0.84 1.48 -4.49
C LYS A 18 -2.09 0.72 -4.04
N PRO A 19 -3.26 1.36 -4.21
CA PRO A 19 -4.54 0.77 -3.83
C PRO A 19 -4.93 -0.40 -4.73
N GLU A 20 -4.19 -0.58 -5.83
CA GLU A 20 -4.46 -1.66 -6.76
C GLU A 20 -3.74 -2.94 -6.34
N ALA A 21 -2.90 -2.83 -5.33
CA ALA A 21 -2.16 -3.98 -4.82
C ALA A 21 -2.97 -4.75 -3.78
N ILE A 22 -2.46 -5.91 -3.39
CA ILE A 22 -3.14 -6.74 -2.40
C ILE A 22 -2.33 -6.84 -1.11
N LYS A 23 -1.06 -6.45 -1.20
CA LYS A 23 -0.17 -6.49 -0.03
C LYS A 23 0.91 -5.44 -0.15
N CYS A 24 1.69 -5.28 0.92
CA CYS A 24 2.78 -4.31 0.94
C CYS A 24 3.86 -4.66 -0.08
N VAL A 25 4.62 -3.66 -0.52
CA VAL A 25 5.68 -3.88 -1.49
C VAL A 25 7.04 -3.82 -0.82
N ALA A 26 7.06 -3.96 0.50
CA ALA A 26 8.31 -3.93 1.26
C ALA A 26 8.36 -5.07 2.27
N CYS A 27 7.26 -5.25 2.99
CA CYS A 27 7.18 -6.30 4.00
C CYS A 27 6.22 -7.40 3.57
N GLU A 28 5.45 -7.13 2.52
CA GLU A 28 4.49 -8.10 2.01
C GLU A 28 3.32 -8.27 2.98
N THR A 29 2.90 -7.18 3.59
CA THR A 29 1.79 -7.21 4.54
C THR A 29 0.45 -7.35 3.81
N PRO A 30 -0.49 -8.07 4.45
CA PRO A 30 -1.82 -8.30 3.89
C PRO A 30 -2.66 -7.02 3.87
N LYS A 31 -2.90 -6.49 2.68
CA LYS A 31 -3.70 -5.28 2.52
C LYS A 31 -4.97 -5.35 3.37
N PRO A 32 -5.35 -4.20 3.94
CA PRO A 32 -6.55 -4.09 4.78
C PRO A 32 -7.84 -4.25 3.97
ZN ZN B . 4.74 -2.97 5.03
N GLY A 1 -12.69 9.29 -18.04
CA GLY A 1 -13.39 8.90 -16.83
C GLY A 1 -12.59 9.17 -15.57
N HIS A 2 -12.53 8.19 -14.69
CA HIS A 2 -11.79 8.32 -13.44
C HIS A 2 -11.04 7.04 -13.12
N MET A 3 -9.75 7.18 -12.81
CA MET A 3 -8.92 6.03 -12.48
C MET A 3 -8.55 6.02 -11.00
N VAL A 4 -8.85 4.91 -10.33
CA VAL A 4 -8.55 4.78 -8.90
C VAL A 4 -7.23 5.45 -8.56
N ILE A 5 -7.31 6.66 -8.01
CA ILE A 5 -6.12 7.41 -7.63
C ILE A 5 -6.02 7.53 -6.11
N GLY A 6 -5.19 6.68 -5.51
CA GLY A 6 -5.01 6.70 -4.07
C GLY A 6 -3.77 5.96 -3.64
N THR A 7 -3.70 5.64 -2.34
CA THR A 7 -2.55 4.92 -1.80
C THR A 7 -2.70 4.70 -0.30
N TRP A 8 -2.19 3.58 0.19
CA TRP A 8 -2.28 3.24 1.60
C TRP A 8 -0.88 3.01 2.19
N ASP A 9 -0.69 3.49 3.41
CA ASP A 9 0.60 3.33 4.09
C ASP A 9 0.56 2.16 5.07
N CYS A 10 1.71 1.53 5.28
CA CYS A 10 1.81 0.40 6.19
C CYS A 10 1.71 0.86 7.65
N ASP A 11 1.66 -0.09 8.57
CA ASP A 11 1.57 0.21 9.99
C ASP A 11 2.60 -0.58 10.78
N THR A 12 3.37 -1.41 10.07
CA THR A 12 4.40 -2.22 10.71
C THR A 12 5.79 -1.86 10.20
N CYS A 13 5.96 -1.93 8.89
CA CYS A 13 7.24 -1.61 8.26
C CYS A 13 7.29 -0.15 7.82
N LEU A 14 6.12 0.47 7.73
CA LEU A 14 6.02 1.87 7.32
C LEU A 14 6.41 2.04 5.86
N VAL A 15 5.48 1.71 4.97
CA VAL A 15 5.72 1.83 3.53
C VAL A 15 4.42 2.06 2.77
N GLN A 16 4.46 2.97 1.81
CA GLN A 16 3.29 3.28 1.01
C GLN A 16 3.12 2.28 -0.13
N ASN A 17 1.86 2.05 -0.52
CA ASN A 17 1.56 1.10 -1.60
C ASN A 17 0.33 1.54 -2.38
N LYS A 18 0.26 1.13 -3.65
CA LYS A 18 -0.87 1.48 -4.50
C LYS A 18 -2.13 0.74 -4.06
N PRO A 19 -3.29 1.38 -4.28
CA PRO A 19 -4.59 0.80 -3.91
C PRO A 19 -4.96 -0.39 -4.80
N GLU A 20 -4.21 -0.58 -5.88
CA GLU A 20 -4.46 -1.67 -6.80
C GLU A 20 -3.75 -2.94 -6.36
N ALA A 21 -2.92 -2.81 -5.32
CA ALA A 21 -2.16 -3.94 -4.79
C ALA A 21 -2.98 -4.70 -3.74
N ILE A 22 -2.48 -5.86 -3.34
CA ILE A 22 -3.16 -6.68 -2.35
C ILE A 22 -2.37 -6.73 -1.04
N LYS A 23 -1.07 -6.47 -1.14
CA LYS A 23 -0.19 -6.49 0.03
C LYS A 23 0.89 -5.42 -0.09
N CYS A 24 1.71 -5.29 0.96
CA CYS A 24 2.79 -4.32 0.97
C CYS A 24 3.86 -4.68 -0.06
N VAL A 25 4.62 -3.68 -0.49
CA VAL A 25 5.68 -3.88 -1.48
C VAL A 25 7.06 -3.82 -0.82
N ALA A 26 7.08 -3.94 0.51
CA ALA A 26 8.33 -3.91 1.25
C ALA A 26 8.40 -5.04 2.27
N CYS A 27 7.31 -5.24 3.00
CA CYS A 27 7.26 -6.29 4.01
C CYS A 27 6.30 -7.40 3.58
N GLU A 28 5.51 -7.13 2.55
CA GLU A 28 4.55 -8.11 2.03
C GLU A 28 3.43 -8.34 3.04
N THR A 29 2.87 -7.25 3.56
CA THR A 29 1.79 -7.34 4.52
C THR A 29 0.43 -7.39 3.82
N PRO A 30 -0.52 -8.13 4.42
CA PRO A 30 -1.87 -8.28 3.88
C PRO A 30 -2.68 -6.99 3.97
N LYS A 31 -3.03 -6.43 2.82
CA LYS A 31 -3.81 -5.20 2.77
C LYS A 31 -5.13 -5.37 3.50
N PRO A 32 -5.57 -4.31 4.20
CA PRO A 32 -6.83 -4.31 4.95
C PRO A 32 -8.05 -4.33 4.03
ZN ZN B . 4.78 -2.99 5.03
N GLY A 1 2.05 14.00 -15.41
CA GLY A 1 0.83 14.79 -15.42
C GLY A 1 -0.33 14.06 -14.75
N HIS A 2 -0.32 12.73 -14.83
CA HIS A 2 -1.37 11.91 -14.22
C HIS A 2 -0.78 10.93 -13.22
N MET A 3 -1.53 10.65 -12.17
CA MET A 3 -1.09 9.73 -11.13
C MET A 3 -2.29 9.10 -10.42
N VAL A 4 -2.04 7.99 -9.73
CA VAL A 4 -3.09 7.29 -9.00
C VAL A 4 -3.13 7.73 -7.54
N ILE A 5 -4.34 7.86 -7.00
CA ILE A 5 -4.51 8.27 -5.60
C ILE A 5 -5.20 7.18 -4.80
N GLY A 6 -4.95 7.17 -3.49
CA GLY A 6 -5.55 6.17 -2.63
C GLY A 6 -4.52 5.28 -1.95
N THR A 7 -3.27 5.41 -2.37
CA THR A 7 -2.18 4.62 -1.81
C THR A 7 -2.31 4.52 -0.30
N TRP A 8 -2.12 3.31 0.23
CA TRP A 8 -2.21 3.08 1.67
C TRP A 8 -0.81 2.96 2.29
N ASP A 9 -0.65 3.53 3.47
CA ASP A 9 0.63 3.49 4.17
C ASP A 9 0.63 2.38 5.23
N CYS A 10 1.71 1.59 5.24
CA CYS A 10 1.84 0.50 6.20
C CYS A 10 1.79 1.02 7.64
N ASP A 11 1.73 0.10 8.59
CA ASP A 11 1.69 0.47 10.00
C ASP A 11 2.70 -0.34 10.81
N THR A 12 3.55 -1.08 10.10
CA THR A 12 4.57 -1.89 10.74
C THR A 12 5.95 -1.61 10.17
N CYS A 13 6.10 -1.83 8.87
CA CYS A 13 7.36 -1.60 8.19
C CYS A 13 7.48 -0.15 7.73
N LEU A 14 6.34 0.53 7.66
CA LEU A 14 6.32 1.93 7.23
C LEU A 14 6.65 2.05 5.75
N VAL A 15 5.67 1.70 4.90
CA VAL A 15 5.86 1.77 3.46
C VAL A 15 4.53 2.00 2.75
N GLN A 16 4.52 2.96 1.83
CA GLN A 16 3.31 3.28 1.08
C GLN A 16 3.13 2.33 -0.10
N ASN A 17 1.88 2.07 -0.47
CA ASN A 17 1.58 1.18 -1.58
C ASN A 17 0.31 1.63 -2.31
N LYS A 18 0.16 1.17 -3.55
CA LYS A 18 -1.01 1.52 -4.35
C LYS A 18 -2.22 0.70 -3.93
N PRO A 19 -3.42 1.30 -4.09
CA PRO A 19 -4.68 0.65 -3.73
C PRO A 19 -5.02 -0.50 -4.67
N GLU A 20 -4.27 -0.62 -5.76
CA GLU A 20 -4.50 -1.68 -6.73
C GLU A 20 -3.73 -2.94 -6.35
N ALA A 21 -2.90 -2.83 -5.32
CA ALA A 21 -2.11 -3.96 -4.85
C ALA A 21 -2.89 -4.81 -3.85
N ILE A 22 -2.36 -5.98 -3.53
CA ILE A 22 -3.01 -6.88 -2.59
C ILE A 22 -2.26 -6.91 -1.25
N LYS A 23 -1.01 -6.48 -1.27
CA LYS A 23 -0.19 -6.46 -0.07
C LYS A 23 0.94 -5.44 -0.20
N CYS A 24 1.61 -5.16 0.92
CA CYS A 24 2.70 -4.19 0.93
C CYS A 24 3.74 -4.54 -0.13
N VAL A 25 4.59 -3.57 -0.46
CA VAL A 25 5.63 -3.77 -1.45
C VAL A 25 7.01 -3.75 -0.81
N ALA A 26 7.06 -4.00 0.49
CA ALA A 26 8.32 -4.01 1.22
C ALA A 26 8.36 -5.13 2.25
N CYS A 27 7.26 -5.27 3.00
CA CYS A 27 7.16 -6.30 4.03
C CYS A 27 6.19 -7.40 3.60
N GLU A 28 5.40 -7.11 2.57
CA GLU A 28 4.43 -8.07 2.07
C GLU A 28 3.26 -8.23 3.04
N THR A 29 2.75 -7.10 3.53
CA THR A 29 1.64 -7.10 4.48
C THR A 29 0.32 -7.33 3.76
N PRO A 30 -0.61 -8.03 4.42
CA PRO A 30 -1.93 -8.33 3.86
C PRO A 30 -2.81 -7.08 3.76
N LYS A 31 -3.13 -6.68 2.53
CA LYS A 31 -3.96 -5.51 2.31
C LYS A 31 -5.26 -5.60 3.11
N PRO A 32 -5.71 -4.45 3.62
CA PRO A 32 -6.94 -4.37 4.41
C PRO A 32 -8.19 -4.61 3.57
ZN ZN B . 4.74 -2.92 5.03
N GLY A 1 -14.06 5.43 -13.85
CA GLY A 1 -13.58 4.23 -14.51
C GLY A 1 -12.64 3.42 -13.62
N HIS A 2 -11.65 4.09 -13.06
CA HIS A 2 -10.68 3.43 -12.18
C HIS A 2 -9.74 4.45 -11.56
N MET A 3 -9.89 4.65 -10.25
CA MET A 3 -9.05 5.59 -9.52
C MET A 3 -7.79 4.91 -8.99
N VAL A 4 -6.63 5.52 -9.26
CA VAL A 4 -5.36 4.96 -8.80
C VAL A 4 -4.77 5.81 -7.68
N ILE A 5 -5.37 6.97 -7.43
CA ILE A 5 -4.91 7.86 -6.38
C ILE A 5 -5.50 7.48 -5.03
N GLY A 6 -4.84 6.54 -4.35
CA GLY A 6 -5.32 6.10 -3.05
C GLY A 6 -4.34 5.18 -2.35
N THR A 7 -3.04 5.47 -2.50
CA THR A 7 -2.01 4.66 -1.89
C THR A 7 -2.20 4.56 -0.38
N TRP A 8 -2.00 3.37 0.17
CA TRP A 8 -2.15 3.15 1.59
C TRP A 8 -0.80 3.00 2.27
N ASP A 9 -0.65 3.64 3.43
CA ASP A 9 0.60 3.58 4.19
C ASP A 9 0.58 2.44 5.20
N CYS A 10 1.64 1.66 5.22
CA CYS A 10 1.75 0.53 6.15
C CYS A 10 1.72 1.00 7.59
N ASP A 11 1.71 0.07 8.53
CA ASP A 11 1.69 0.39 9.95
C ASP A 11 2.63 -0.51 10.73
N THR A 12 3.43 -1.30 10.01
CA THR A 12 4.37 -2.21 10.63
C THR A 12 5.79 -2.00 10.09
N CYS A 13 5.88 -1.71 8.79
CA CYS A 13 7.16 -1.48 8.15
C CYS A 13 7.29 -0.04 7.66
N LEU A 14 6.19 0.71 7.77
CA LEU A 14 6.18 2.10 7.34
C LEU A 14 6.52 2.22 5.86
N VAL A 15 5.59 1.83 5.00
CA VAL A 15 5.78 1.89 3.56
C VAL A 15 4.46 2.09 2.83
N GLN A 16 4.45 3.01 1.88
CA GLN A 16 3.25 3.30 1.10
C GLN A 16 3.13 2.35 -0.09
N ASN A 17 1.90 2.01 -0.45
CA ASN A 17 1.65 1.11 -1.57
C ASN A 17 0.40 1.54 -2.34
N LYS A 18 0.31 1.13 -3.60
CA LYS A 18 -0.82 1.46 -4.45
C LYS A 18 -2.07 0.71 -4.00
N PRO A 19 -3.24 1.34 -4.17
CA PRO A 19 -4.52 0.75 -3.79
C PRO A 19 -4.91 -0.41 -4.70
N GLU A 20 -4.17 -0.57 -5.79
CA GLU A 20 -4.45 -1.65 -6.75
C GLU A 20 -3.74 -2.94 -6.33
N ALA A 21 -2.89 -2.83 -5.31
CA ALA A 21 -2.15 -3.99 -4.82
C ALA A 21 -2.95 -4.74 -3.75
N ILE A 22 -2.50 -5.96 -3.45
CA ILE A 22 -3.17 -6.77 -2.44
C ILE A 22 -2.38 -6.82 -1.15
N LYS A 23 -1.08 -6.59 -1.24
CA LYS A 23 -0.21 -6.60 -0.08
C LYS A 23 0.87 -5.52 -0.19
N CYS A 24 1.64 -5.35 0.87
CA CYS A 24 2.71 -4.35 0.89
C CYS A 24 3.81 -4.73 -0.09
N VAL A 25 4.51 -3.71 -0.60
CA VAL A 25 5.60 -3.93 -1.55
C VAL A 25 6.96 -3.82 -0.87
N ALA A 26 6.95 -3.88 0.46
CA ALA A 26 8.18 -3.79 1.23
C ALA A 26 8.28 -4.91 2.26
N CYS A 27 7.19 -5.14 2.99
CA CYS A 27 7.16 -6.19 4.00
C CYS A 27 6.25 -7.35 3.56
N GLU A 28 5.44 -7.08 2.53
CA GLU A 28 4.53 -8.10 2.01
C GLU A 28 3.40 -8.37 3.00
N THR A 29 2.81 -7.30 3.51
CA THR A 29 1.71 -7.41 4.47
C THR A 29 0.36 -7.48 3.76
N PRO A 30 -0.57 -8.26 4.33
CA PRO A 30 -1.91 -8.41 3.76
C PRO A 30 -2.76 -7.15 3.90
N LYS A 31 -3.10 -6.55 2.76
CA LYS A 31 -3.90 -5.34 2.75
C LYS A 31 -5.23 -5.56 3.47
N PRO A 32 -5.70 -4.54 4.20
CA PRO A 32 -6.96 -4.59 4.93
C PRO A 32 -8.18 -4.61 4.01
ZN ZN B . 4.65 -2.92 4.95
N GLY A 1 -8.64 14.93 -9.16
CA GLY A 1 -8.67 15.87 -10.25
C GLY A 1 -7.31 16.08 -10.89
N HIS A 2 -6.26 15.67 -10.19
CA HIS A 2 -4.90 15.81 -10.69
C HIS A 2 -4.16 14.48 -10.62
N MET A 3 -4.37 13.74 -9.53
CA MET A 3 -3.71 12.46 -9.33
C MET A 3 -4.29 11.73 -8.12
N VAL A 4 -4.90 10.57 -8.36
CA VAL A 4 -5.49 9.78 -7.30
C VAL A 4 -4.48 9.50 -6.19
N ILE A 5 -4.93 9.59 -4.94
CA ILE A 5 -4.05 9.34 -3.80
C ILE A 5 -4.63 8.26 -2.90
N GLY A 6 -4.96 7.11 -3.49
CA GLY A 6 -5.52 6.01 -2.72
C GLY A 6 -4.45 5.20 -2.01
N THR A 7 -3.21 5.35 -2.45
CA THR A 7 -2.10 4.62 -1.87
C THR A 7 -2.24 4.52 -0.35
N TRP A 8 -2.12 3.30 0.16
CA TRP A 8 -2.25 3.07 1.61
C TRP A 8 -0.88 2.93 2.25
N ASP A 9 -0.71 3.55 3.43
CA ASP A 9 0.55 3.49 4.16
C ASP A 9 0.58 2.30 5.10
N CYS A 10 1.76 1.71 5.25
CA CYS A 10 1.92 0.56 6.14
C CYS A 10 1.98 0.99 7.60
N ASP A 11 1.71 0.06 8.50
CA ASP A 11 1.74 0.35 9.94
C ASP A 11 2.67 -0.61 10.67
N THR A 12 3.51 -1.32 9.90
CA THR A 12 4.44 -2.27 10.47
C THR A 12 5.86 -2.01 9.99
N CYS A 13 6.00 -1.81 8.68
CA CYS A 13 7.31 -1.55 8.09
C CYS A 13 7.40 -0.12 7.56
N LEU A 14 6.29 0.61 7.68
CA LEU A 14 6.24 2.00 7.22
C LEU A 14 6.58 2.08 5.73
N VAL A 15 5.55 2.08 4.90
CA VAL A 15 5.72 2.17 3.46
C VAL A 15 4.39 2.31 2.73
N GLN A 16 4.34 3.22 1.76
CA GLN A 16 3.12 3.45 1.00
C GLN A 16 3.02 2.49 -0.19
N ASN A 17 1.80 2.07 -0.50
CA ASN A 17 1.59 1.15 -1.61
C ASN A 17 0.30 1.51 -2.36
N LYS A 18 0.29 1.23 -3.66
CA LYS A 18 -0.87 1.52 -4.49
C LYS A 18 -2.10 0.73 -4.01
N PRO A 19 -3.28 1.34 -4.13
CA PRO A 19 -4.54 0.71 -3.71
C PRO A 19 -4.94 -0.45 -4.62
N GLU A 20 -4.23 -0.59 -5.74
CA GLU A 20 -4.51 -1.66 -6.69
C GLU A 20 -3.76 -2.93 -6.31
N ALA A 21 -2.89 -2.82 -5.32
CA ALA A 21 -2.11 -3.97 -4.86
C ALA A 21 -2.90 -4.80 -3.86
N ILE A 22 -2.36 -5.97 -3.49
CA ILE A 22 -3.01 -6.85 -2.55
C ILE A 22 -2.25 -6.91 -1.22
N LYS A 23 -1.00 -6.45 -1.25
CA LYS A 23 -0.16 -6.44 -0.05
C LYS A 23 0.95 -5.41 -0.18
N CYS A 24 1.64 -5.16 0.92
CA CYS A 24 2.74 -4.20 0.94
C CYS A 24 3.81 -4.58 -0.08
N VAL A 25 4.65 -3.61 -0.44
CA VAL A 25 5.72 -3.84 -1.41
C VAL A 25 7.09 -3.80 -0.73
N ALA A 26 7.10 -3.97 0.58
CA ALA A 26 8.35 -3.96 1.34
C ALA A 26 8.37 -5.09 2.37
N CYS A 27 7.24 -5.29 3.04
CA CYS A 27 7.15 -6.34 4.06
C CYS A 27 6.19 -7.44 3.60
N GLU A 28 5.40 -7.14 2.59
CA GLU A 28 4.43 -8.10 2.05
C GLU A 28 3.25 -8.28 3.00
N THR A 29 2.79 -7.16 3.57
CA THR A 29 1.67 -7.19 4.49
C THR A 29 0.35 -7.38 3.75
N PRO A 30 -0.60 -8.08 4.40
CA PRO A 30 -1.92 -8.35 3.81
C PRO A 30 -2.77 -7.08 3.73
N LYS A 31 -3.09 -6.67 2.50
CA LYS A 31 -3.90 -5.49 2.28
C LYS A 31 -5.20 -5.56 3.08
N PRO A 32 -5.64 -4.41 3.61
CA PRO A 32 -6.87 -4.31 4.40
C PRO A 32 -8.13 -4.53 3.55
ZN ZN B . 4.83 -2.91 4.98
N GLY A 1 4.02 11.94 -9.27
CA GLY A 1 2.84 11.23 -8.81
C GLY A 1 1.68 11.31 -9.80
N HIS A 2 0.60 10.60 -9.51
CA HIS A 2 -0.57 10.61 -10.38
C HIS A 2 -1.69 11.45 -9.77
N MET A 3 -2.83 11.48 -10.46
CA MET A 3 -3.99 12.25 -9.98
C MET A 3 -4.72 11.50 -8.88
N VAL A 4 -4.15 10.37 -8.45
CA VAL A 4 -4.74 9.56 -7.40
C VAL A 4 -3.74 9.29 -6.28
N ILE A 5 -4.17 9.52 -5.05
CA ILE A 5 -3.32 9.30 -3.89
C ILE A 5 -3.97 8.33 -2.90
N GLY A 6 -4.68 7.35 -3.43
CA GLY A 6 -5.34 6.36 -2.59
C GLY A 6 -4.35 5.43 -1.91
N THR A 7 -3.10 5.47 -2.37
CA THR A 7 -2.06 4.62 -1.80
C THR A 7 -2.20 4.51 -0.29
N TRP A 8 -2.08 3.30 0.23
CA TRP A 8 -2.20 3.06 1.66
C TRP A 8 -0.82 2.95 2.31
N ASP A 9 -0.67 3.58 3.47
CA ASP A 9 0.61 3.57 4.18
C ASP A 9 0.62 2.46 5.23
N CYS A 10 1.67 1.64 5.20
CA CYS A 10 1.80 0.54 6.15
C CYS A 10 1.80 1.04 7.59
N ASP A 11 1.70 0.12 8.54
CA ASP A 11 1.70 0.48 9.95
C ASP A 11 2.64 -0.40 10.75
N THR A 12 3.46 -1.19 10.03
CA THR A 12 4.41 -2.09 10.67
C THR A 12 5.81 -1.86 10.14
N CYS A 13 5.93 -1.72 8.82
CA CYS A 13 7.23 -1.51 8.19
C CYS A 13 7.34 -0.07 7.69
N LEU A 14 6.24 0.66 7.73
CA LEU A 14 6.22 2.05 7.28
C LEU A 14 6.56 2.14 5.78
N VAL A 15 5.57 1.86 4.95
CA VAL A 15 5.76 1.91 3.50
C VAL A 15 4.43 2.11 2.77
N GLN A 16 4.43 3.04 1.83
CA GLN A 16 3.22 3.32 1.06
C GLN A 16 3.08 2.36 -0.12
N ASN A 17 1.85 2.03 -0.47
CA ASN A 17 1.58 1.12 -1.58
C ASN A 17 0.31 1.53 -2.32
N LYS A 18 0.24 1.17 -3.60
CA LYS A 18 -0.92 1.49 -4.43
C LYS A 18 -2.14 0.70 -3.97
N PRO A 19 -3.33 1.33 -4.11
CA PRO A 19 -4.60 0.70 -3.72
C PRO A 19 -4.98 -0.45 -4.65
N GLU A 20 -4.26 -0.58 -5.75
CA GLU A 20 -4.53 -1.64 -6.72
C GLU A 20 -3.78 -2.92 -6.34
N ALA A 21 -2.92 -2.82 -5.34
CA ALA A 21 -2.15 -3.97 -4.88
C ALA A 21 -2.94 -4.81 -3.89
N ILE A 22 -2.36 -5.93 -3.49
CA ILE A 22 -3.03 -6.83 -2.53
C ILE A 22 -2.23 -6.93 -1.24
N LYS A 23 -0.98 -6.48 -1.28
CA LYS A 23 -0.12 -6.52 -0.10
C LYS A 23 0.97 -5.45 -0.20
N CYS A 24 1.78 -5.33 0.86
CA CYS A 24 2.85 -4.35 0.89
C CYS A 24 3.97 -4.74 -0.06
N VAL A 25 4.68 -3.74 -0.57
CA VAL A 25 5.79 -3.97 -1.50
C VAL A 25 7.13 -3.88 -0.79
N ALA A 26 7.11 -4.03 0.53
CA ALA A 26 8.34 -3.98 1.32
C ALA A 26 8.37 -5.09 2.37
N CYS A 27 7.26 -5.26 3.07
CA CYS A 27 7.16 -6.30 4.10
C CYS A 27 6.21 -7.41 3.66
N GLU A 28 5.45 -7.15 2.61
CA GLU A 28 4.51 -8.14 2.09
C GLU A 28 3.31 -8.28 3.03
N THR A 29 2.88 -7.17 3.62
CA THR A 29 1.76 -7.17 4.54
C THR A 29 0.44 -7.32 3.78
N PRO A 30 -0.52 -8.05 4.38
CA PRO A 30 -1.83 -8.27 3.78
C PRO A 30 -2.69 -7.01 3.75
N LYS A 31 -2.99 -6.54 2.55
CA LYS A 31 -3.81 -5.33 2.37
C LYS A 31 -5.29 -5.68 2.39
N PRO A 32 -6.10 -4.77 3.00
CA PRO A 32 -7.55 -4.96 3.10
C PRO A 32 -8.24 -4.83 1.75
ZN ZN B . 4.70 -2.93 5.00
N GLY A 1 -13.78 7.89 -16.16
CA GLY A 1 -12.41 7.40 -16.21
C GLY A 1 -12.16 6.30 -15.19
N HIS A 2 -11.50 6.66 -14.09
CA HIS A 2 -11.19 5.69 -13.04
C HIS A 2 -11.26 6.35 -11.66
N MET A 3 -11.46 5.53 -10.64
CA MET A 3 -11.56 6.03 -9.27
C MET A 3 -10.61 5.27 -8.35
N VAL A 4 -9.41 4.98 -8.84
CA VAL A 4 -8.41 4.26 -8.07
C VAL A 4 -7.10 5.04 -7.99
N ILE A 5 -7.21 6.34 -7.68
CA ILE A 5 -6.04 7.20 -7.57
C ILE A 5 -5.74 7.53 -6.12
N GLY A 6 -5.26 6.53 -5.37
CA GLY A 6 -4.93 6.75 -3.98
C GLY A 6 -3.70 5.96 -3.54
N THR A 7 -3.63 5.64 -2.25
CA THR A 7 -2.51 4.90 -1.71
C THR A 7 -2.67 4.67 -0.21
N TRP A 8 -2.15 3.54 0.26
CA TRP A 8 -2.25 3.19 1.68
C TRP A 8 -0.87 2.99 2.28
N ASP A 9 -0.64 3.55 3.47
CA ASP A 9 0.64 3.42 4.14
C ASP A 9 0.61 2.28 5.16
N CYS A 10 1.72 1.56 5.27
CA CYS A 10 1.82 0.44 6.19
C CYS A 10 1.78 0.93 7.64
N ASP A 11 1.68 -0.01 8.57
CA ASP A 11 1.62 0.32 9.99
C ASP A 11 2.65 -0.50 10.77
N THR A 12 3.42 -1.32 10.06
CA THR A 12 4.43 -2.15 10.69
C THR A 12 5.83 -1.84 10.15
N CYS A 13 5.95 -1.84 8.83
CA CYS A 13 7.23 -1.54 8.18
C CYS A 13 7.28 -0.10 7.70
N LEU A 14 6.14 0.58 7.75
CA LEU A 14 6.04 1.96 7.32
C LEU A 14 6.42 2.10 5.84
N VAL A 15 5.47 1.80 4.96
CA VAL A 15 5.70 1.89 3.53
C VAL A 15 4.39 2.10 2.78
N GLN A 16 4.40 3.02 1.81
CA GLN A 16 3.23 3.31 1.01
C GLN A 16 3.08 2.32 -0.14
N ASN A 17 1.84 2.00 -0.49
CA ASN A 17 1.58 1.07 -1.58
C ASN A 17 0.32 1.47 -2.34
N LYS A 18 0.29 1.15 -3.63
CA LYS A 18 -0.84 1.47 -4.48
C LYS A 18 -2.10 0.71 -4.04
N PRO A 19 -3.26 1.35 -4.20
CA PRO A 19 -4.55 0.77 -3.83
C PRO A 19 -4.93 -0.40 -4.73
N GLU A 20 -4.19 -0.57 -5.82
CA GLU A 20 -4.46 -1.66 -6.76
C GLU A 20 -3.74 -2.93 -6.35
N ALA A 21 -2.91 -2.84 -5.33
CA ALA A 21 -2.17 -3.98 -4.83
C ALA A 21 -2.97 -4.76 -3.79
N ILE A 22 -2.48 -5.92 -3.40
CA ILE A 22 -3.15 -6.76 -2.41
C ILE A 22 -2.35 -6.84 -1.12
N LYS A 23 -1.08 -6.44 -1.19
CA LYS A 23 -0.20 -6.47 -0.02
C LYS A 23 0.86 -5.38 -0.12
N CYS A 24 1.72 -5.33 0.89
CA CYS A 24 2.79 -4.33 0.91
C CYS A 24 3.88 -4.67 -0.10
N VAL A 25 4.66 -3.67 -0.49
CA VAL A 25 5.73 -3.86 -1.45
C VAL A 25 7.10 -3.77 -0.77
N ALA A 26 7.10 -3.94 0.55
CA ALA A 26 8.34 -3.89 1.32
C ALA A 26 8.40 -5.01 2.35
N CYS A 27 7.26 -5.28 2.98
CA CYS A 27 7.18 -6.32 3.99
C CYS A 27 6.21 -7.43 3.56
N GLU A 28 5.45 -7.15 2.51
CA GLU A 28 4.48 -8.12 1.99
C GLU A 28 3.31 -8.28 2.96
N THR A 29 2.90 -7.17 3.58
CA THR A 29 1.79 -7.20 4.52
C THR A 29 0.45 -7.33 3.80
N PRO A 30 -0.49 -8.04 4.43
CA PRO A 30 -1.83 -8.26 3.86
C PRO A 30 -2.66 -6.98 3.83
N LYS A 31 -2.87 -6.44 2.64
CA LYS A 31 -3.66 -5.22 2.48
C LYS A 31 -4.91 -5.26 3.36
N PRO A 32 -5.28 -4.10 3.91
CA PRO A 32 -6.45 -3.97 4.77
C PRO A 32 -7.76 -4.12 4.00
ZN ZN B . 4.72 -2.98 5.02
N GLY A 1 -4.50 15.03 -18.24
CA GLY A 1 -5.42 15.15 -17.12
C GLY A 1 -4.71 15.25 -15.79
N HIS A 2 -4.72 14.15 -15.03
CA HIS A 2 -4.08 14.11 -13.73
C HIS A 2 -3.98 12.69 -13.20
N MET A 3 -2.96 12.41 -12.41
CA MET A 3 -2.77 11.09 -11.83
C MET A 3 -3.58 10.93 -10.55
N VAL A 4 -3.81 9.68 -10.16
CA VAL A 4 -4.56 9.39 -8.94
C VAL A 4 -3.63 9.17 -7.75
N ILE A 5 -4.11 9.53 -6.56
CA ILE A 5 -3.32 9.37 -5.34
C ILE A 5 -4.17 8.79 -4.21
N GLY A 6 -4.03 7.49 -3.99
CA GLY A 6 -4.79 6.84 -2.93
C GLY A 6 -3.98 5.79 -2.20
N THR A 7 -2.71 5.67 -2.56
CA THR A 7 -1.83 4.69 -1.94
C THR A 7 -2.07 4.62 -0.43
N TRP A 8 -1.89 3.43 0.13
CA TRP A 8 -2.10 3.23 1.56
C TRP A 8 -0.77 3.05 2.28
N ASP A 9 -0.69 3.57 3.50
CA ASP A 9 0.53 3.47 4.30
C ASP A 9 0.50 2.23 5.18
N CYS A 10 1.68 1.64 5.38
CA CYS A 10 1.79 0.44 6.21
C CYS A 10 1.73 0.79 7.69
N ASP A 11 1.50 -0.21 8.53
CA ASP A 11 1.43 -0.01 9.97
C ASP A 11 2.54 -0.78 10.69
N THR A 12 3.33 -1.53 9.92
CA THR A 12 4.42 -2.31 10.48
C THR A 12 5.77 -1.83 9.95
N CYS A 13 5.94 -1.88 8.63
CA CYS A 13 7.18 -1.45 8.00
C CYS A 13 7.07 -0.01 7.51
N LEU A 14 5.97 0.64 7.86
CA LEU A 14 5.74 2.03 7.45
C LEU A 14 6.17 2.25 6.01
N VAL A 15 5.24 2.04 5.08
CA VAL A 15 5.52 2.22 3.66
C VAL A 15 4.23 2.39 2.86
N GLN A 16 4.25 3.27 1.87
CA GLN A 16 3.09 3.52 1.03
C GLN A 16 3.06 2.56 -0.16
N ASN A 17 1.86 2.12 -0.52
CA ASN A 17 1.70 1.19 -1.64
C ASN A 17 0.46 1.55 -2.46
N LYS A 18 0.46 1.13 -3.71
CA LYS A 18 -0.67 1.39 -4.61
C LYS A 18 -1.94 0.70 -4.12
N PRO A 19 -3.08 1.37 -4.27
CA PRO A 19 -4.38 0.83 -3.85
C PRO A 19 -4.83 -0.34 -4.72
N GLU A 20 -4.12 -0.56 -5.82
CA GLU A 20 -4.45 -1.65 -6.73
C GLU A 20 -3.76 -2.94 -6.31
N ALA A 21 -2.89 -2.84 -5.31
CA ALA A 21 -2.17 -4.01 -4.81
C ALA A 21 -2.99 -4.74 -3.75
N ILE A 22 -2.53 -5.94 -3.40
CA ILE A 22 -3.22 -6.75 -2.40
C ILE A 22 -2.44 -6.79 -1.09
N LYS A 23 -1.13 -6.56 -1.19
CA LYS A 23 -0.27 -6.56 0.00
C LYS A 23 0.81 -5.49 -0.13
N CYS A 24 1.64 -5.38 0.90
CA CYS A 24 2.72 -4.41 0.91
C CYS A 24 3.84 -4.81 -0.05
N VAL A 25 4.52 -3.82 -0.60
CA VAL A 25 5.62 -4.08 -1.53
C VAL A 25 6.97 -3.90 -0.86
N ALA A 26 6.97 -3.88 0.47
CA ALA A 26 8.20 -3.72 1.24
C ALA A 26 8.34 -4.82 2.29
N CYS A 27 7.22 -5.18 2.90
CA CYS A 27 7.23 -6.22 3.93
C CYS A 27 6.33 -7.38 3.52
N GLU A 28 5.47 -7.14 2.53
CA GLU A 28 4.57 -8.17 2.05
C GLU A 28 3.42 -8.41 3.04
N THR A 29 2.84 -7.31 3.53
CA THR A 29 1.75 -7.40 4.49
C THR A 29 0.40 -7.43 3.78
N PRO A 30 -0.55 -8.20 4.33
CA PRO A 30 -1.90 -8.33 3.77
C PRO A 30 -2.72 -7.05 3.91
N LYS A 31 -3.08 -6.46 2.78
CA LYS A 31 -3.86 -5.23 2.78
C LYS A 31 -5.18 -5.43 3.51
N PRO A 32 -5.61 -4.39 4.24
CA PRO A 32 -6.87 -4.42 5.00
C PRO A 32 -8.09 -4.43 4.10
ZN ZN B . 4.72 -2.94 4.94
#